data_3AZR
#
_entry.id   3AZR
#
_cell.length_a   62.424
_cell.length_b   77.145
_cell.length_c   62.620
_cell.angle_alpha   90.00
_cell.angle_beta   97.50
_cell.angle_gamma   90.00
#
_symmetry.space_group_name_H-M   'P 1 21 1'
#
loop_
_entity.id
_entity.type
_entity.pdbx_description
1 polymer Endoglucanase
2 branched beta-D-glucopyranose-(1-4)-alpha-D-glucopyranose
3 non-polymer beta-D-glucopyranose
4 water water
#
_entity_poly.entity_id   1
_entity_poly.type   'polypeptide(L)'
_entity_poly.pdbx_seq_one_letter_code
;MGVDPFERNKILGRGINIGNALEAPNEGDWGVVIKDEFFDIIKEAGFSHVRIPIRWSTHAYAFPPYKIMDRFFKRVDEVI
NGALKRGLAVVINIHHYEELMNDPEEHKERFLALWKQIADRYKDYPETLFFEILNEPHGNLTPEKWNELLEEALKVIRSI
DKKHTIIIGTAEWGGISALEKLSVPKWEKNSIVTIHYYNPFEFTHQGAEWVEGSEKWLGRKWGSPDDQKHLIEEFNFIEE
WSKKNKRPIYIGAFGAYRKADLESRIKWTSFVVREMEKRRWSWAYWEFCSGFGVYDTLRKTWNKDLLEALIGGDSIE
;
_entity_poly.pdbx_strand_id   A,B
#
loop_
_chem_comp.id
_chem_comp.type
_chem_comp.name
_chem_comp.formula
BGC D-saccharide, beta linking beta-D-glucopyranose 'C6 H12 O6'
GLC D-saccharide, alpha linking alpha-D-glucopyranose 'C6 H12 O6'
#
# COMPACT_ATOMS: atom_id res chain seq x y z
N MET A 1 19.52 -30.75 -8.29
CA MET A 1 19.06 -31.12 -6.94
C MET A 1 19.77 -30.35 -5.82
N GLY A 2 19.08 -30.20 -4.69
CA GLY A 2 19.60 -29.44 -3.56
C GLY A 2 20.30 -30.20 -2.45
N VAL A 3 20.16 -29.70 -1.22
CA VAL A 3 20.79 -30.34 -0.07
C VAL A 3 19.81 -30.55 1.08
N ASP A 4 20.17 -31.43 2.00
CA ASP A 4 19.31 -31.71 3.16
C ASP A 4 19.07 -30.34 3.81
N PRO A 5 17.80 -29.97 4.00
CA PRO A 5 17.47 -28.67 4.60
C PRO A 5 18.17 -28.40 5.94
N PHE A 6 18.56 -29.46 6.67
CA PHE A 6 19.26 -29.24 7.93
C PHE A 6 20.67 -28.77 7.65
N GLU A 7 21.21 -29.22 6.52
CA GLU A 7 22.54 -28.83 6.09
C GLU A 7 22.45 -27.38 5.63
N ARG A 8 21.37 -27.03 4.95
CA ARG A 8 21.29 -25.65 4.57
C ARG A 8 20.93 -24.76 5.77
N ASN A 9 20.32 -25.30 6.81
CA ASN A 9 20.02 -24.48 8.00
C ASN A 9 21.36 -24.17 8.65
N LYS A 10 22.27 -25.15 8.61
CA LYS A 10 23.59 -24.97 9.21
C LYS A 10 24.34 -23.89 8.41
N ILE A 11 24.15 -23.92 7.09
CA ILE A 11 24.76 -22.94 6.21
C ILE A 11 24.25 -21.53 6.56
N LEU A 12 22.96 -21.41 6.92
CA LEU A 12 22.40 -20.10 7.26
C LEU A 12 23.06 -19.60 8.53
N GLY A 13 22.98 -20.43 9.57
CA GLY A 13 23.58 -20.07 10.83
C GLY A 13 23.10 -18.73 11.35
N ARG A 14 24.03 -17.97 11.93
CA ARG A 14 23.73 -16.66 12.47
C ARG A 14 23.61 -15.60 11.38
N GLY A 15 22.52 -14.86 11.41
CA GLY A 15 22.32 -13.81 10.42
C GLY A 15 21.74 -12.54 10.96
N ILE A 16 21.57 -11.60 10.05
CA ILE A 16 21.00 -10.32 10.38
C ILE A 16 20.16 -9.81 9.20
N ASN A 17 19.01 -9.24 9.53
CA ASN A 17 18.13 -8.63 8.54
C ASN A 17 18.62 -7.25 8.23
N ILE A 18 18.65 -6.90 6.94
CA ILE A 18 18.93 -5.52 6.60
C ILE A 18 17.53 -4.99 6.27
N GLY A 19 16.85 -4.48 7.32
CA GLY A 19 15.48 -3.96 7.23
C GLY A 19 15.32 -2.44 7.12
N ASN A 20 14.08 -2.01 6.95
CA ASN A 20 13.74 -0.61 6.72
C ASN A 20 14.50 -0.13 5.49
N ALA A 21 14.64 -1.06 4.52
CA ALA A 21 15.36 -0.78 3.31
C ALA A 21 14.49 -1.09 2.05
N LEU A 22 14.74 -2.23 1.40
CA LEU A 22 14.00 -2.61 0.19
C LEU A 22 12.56 -3.02 0.45
N GLU A 23 12.12 -3.11 1.70
CA GLU A 23 10.71 -3.43 1.94
C GLU A 23 9.84 -2.16 2.16
N ALA A 24 10.45 -0.98 2.17
CA ALA A 24 9.67 0.25 2.25
C ALA A 24 9.12 0.45 0.83
N PRO A 25 8.24 1.46 0.62
CA PRO A 25 7.70 1.70 -0.73
C PRO A 25 8.86 1.93 -1.73
N ASN A 26 9.83 2.74 -1.31
CA ASN A 26 11.04 3.04 -2.11
C ASN A 26 12.23 2.84 -1.16
N GLU A 27 13.33 2.27 -1.66
CA GLU A 27 14.50 2.10 -0.81
C GLU A 27 14.98 3.47 -0.25
N GLY A 28 15.19 3.54 1.04
CA GLY A 28 15.65 4.80 1.67
C GLY A 28 14.52 5.54 2.37
N ASP A 29 13.27 5.24 1.98
CA ASP A 29 12.08 5.87 2.60
C ASP A 29 11.97 5.66 4.10
N TRP A 30 12.33 4.47 4.54
CA TRP A 30 12.24 4.13 5.94
C TRP A 30 13.60 4.28 6.65
N GLY A 31 14.51 4.99 6.02
CA GLY A 31 15.79 5.24 6.66
C GLY A 31 17.02 4.46 6.31
N VAL A 32 16.90 3.37 5.53
CA VAL A 32 18.09 2.62 5.21
C VAL A 32 18.23 2.38 3.72
N VAL A 33 19.45 2.55 3.24
CA VAL A 33 19.81 2.27 1.87
C VAL A 33 20.91 1.20 1.98
N ILE A 34 20.77 0.06 1.30
CA ILE A 34 21.79 -0.98 1.45
C ILE A 34 23.13 -0.58 0.79
N LYS A 35 24.14 -0.27 1.60
CA LYS A 35 25.45 0.08 1.05
C LYS A 35 26.23 -1.20 0.89
N ASP A 36 27.04 -1.27 -0.16
CA ASP A 36 27.83 -2.47 -0.38
C ASP A 36 28.77 -2.79 0.79
N GLU A 37 29.30 -1.75 1.43
CA GLU A 37 30.21 -1.96 2.53
C GLU A 37 29.55 -2.68 3.69
N PHE A 38 28.21 -2.64 3.74
CA PHE A 38 27.50 -3.27 4.83
C PHE A 38 27.84 -4.76 4.85
N PHE A 39 28.12 -5.34 3.69
CA PHE A 39 28.39 -6.77 3.67
C PHE A 39 29.75 -7.12 4.27
N ASP A 40 30.72 -6.24 4.14
CA ASP A 40 32.02 -6.48 4.75
C ASP A 40 31.85 -6.36 6.27
N ILE A 41 31.12 -5.32 6.68
CA ILE A 41 30.88 -5.06 8.08
C ILE A 41 30.18 -6.25 8.75
N ILE A 42 29.13 -6.79 8.10
CA ILE A 42 28.39 -7.90 8.70
C ILE A 42 29.20 -9.22 8.71
N LYS A 43 29.92 -9.51 7.62
CA LYS A 43 30.70 -10.72 7.55
C LYS A 43 31.83 -10.64 8.55
N GLU A 44 32.45 -9.47 8.65
CA GLU A 44 33.58 -9.32 9.59
C GLU A 44 33.22 -9.44 11.04
N ALA A 45 31.96 -9.18 11.38
CA ALA A 45 31.48 -9.26 12.76
C ALA A 45 31.29 -10.72 13.09
N GLY A 46 31.16 -11.53 12.06
CA GLY A 46 30.99 -12.94 12.30
C GLY A 46 29.67 -13.56 11.83
N PHE A 47 28.83 -12.81 11.13
CA PHE A 47 27.56 -13.42 10.70
C PHE A 47 27.75 -14.33 9.49
N SER A 48 26.86 -15.31 9.39
CA SER A 48 26.91 -16.28 8.29
C SER A 48 25.99 -15.88 7.12
N HIS A 49 24.97 -15.09 7.40
CA HIS A 49 24.04 -14.70 6.31
C HIS A 49 23.32 -13.41 6.57
N VAL A 50 22.67 -12.92 5.53
CA VAL A 50 21.85 -11.72 5.68
C VAL A 50 20.51 -12.04 5.11
N ARG A 51 19.47 -11.47 5.74
CA ARG A 51 18.11 -11.61 5.25
C ARG A 51 17.71 -10.26 4.67
N ILE A 52 17.22 -10.31 3.43
CA ILE A 52 16.85 -9.10 2.76
C ILE A 52 15.34 -8.99 2.42
N PRO A 53 14.57 -8.23 3.21
CA PRO A 53 13.13 -7.98 3.06
C PRO A 53 12.97 -7.17 1.73
N ILE A 54 12.10 -7.62 0.83
CA ILE A 54 11.96 -6.92 -0.46
C ILE A 54 10.48 -6.76 -0.82
N ARG A 55 10.06 -5.54 -1.09
CA ARG A 55 8.66 -5.29 -1.45
C ARG A 55 8.53 -5.33 -2.95
N TRP A 56 8.66 -6.53 -3.51
CA TRP A 56 8.55 -6.63 -4.98
C TRP A 56 7.21 -6.10 -5.49
N SER A 57 6.15 -6.19 -4.69
CA SER A 57 4.84 -5.82 -5.20
C SER A 57 4.67 -4.37 -5.63
N THR A 58 5.48 -3.45 -5.10
CA THR A 58 5.32 -2.10 -5.55
C THR A 58 6.25 -1.81 -6.74
N HIS A 59 6.98 -2.83 -7.19
CA HIS A 59 7.92 -2.64 -8.32
C HIS A 59 7.63 -3.65 -9.43
N ALA A 60 6.36 -3.97 -9.59
CA ALA A 60 5.91 -4.89 -10.64
C ALA A 60 4.60 -4.34 -11.17
N TYR A 61 4.33 -4.50 -12.47
CA TYR A 61 3.03 -3.99 -12.93
C TYR A 61 1.88 -4.73 -12.29
N ALA A 62 0.74 -4.02 -12.22
CA ALA A 62 -0.46 -4.52 -11.61
C ALA A 62 -1.33 -5.34 -12.54
N PHE A 63 -0.98 -5.33 -13.81
CA PHE A 63 -1.71 -6.08 -14.85
C PHE A 63 -0.82 -7.16 -15.47
N PRO A 64 -1.41 -8.25 -15.99
CA PRO A 64 -0.65 -9.35 -16.59
C PRO A 64 0.28 -8.89 -17.71
N PRO A 65 1.48 -9.49 -17.83
CA PRO A 65 2.05 -10.58 -17.03
C PRO A 65 2.70 -10.15 -15.68
N TYR A 66 2.30 -8.98 -15.16
CA TYR A 66 2.81 -8.54 -13.84
C TYR A 66 4.33 -8.46 -13.83
N LYS A 67 4.91 -7.95 -14.91
CA LYS A 67 6.33 -7.88 -15.00
C LYS A 67 7.03 -7.01 -13.93
N ILE A 68 8.10 -7.54 -13.36
CA ILE A 68 8.86 -6.78 -12.36
C ILE A 68 9.64 -5.74 -13.16
N MET A 69 9.70 -4.53 -12.64
CA MET A 69 10.39 -3.44 -13.36
C MET A 69 11.89 -3.63 -13.39
N ASP A 70 12.46 -3.34 -14.58
CA ASP A 70 13.88 -3.55 -14.80
C ASP A 70 14.85 -2.98 -13.81
N ARG A 71 14.72 -1.68 -13.53
CA ARG A 71 15.62 -1.00 -12.59
C ARG A 71 15.61 -1.63 -11.18
N PHE A 72 14.44 -2.01 -10.69
CA PHE A 72 14.38 -2.63 -9.37
C PHE A 72 15.03 -3.99 -9.41
N PHE A 73 14.77 -4.77 -10.47
CA PHE A 73 15.37 -6.07 -10.58
C PHE A 73 16.89 -6.00 -10.54
N LYS A 74 17.47 -5.05 -11.30
CA LYS A 74 18.91 -4.88 -11.30
C LYS A 74 19.46 -4.49 -9.92
N ARG A 75 18.68 -3.69 -9.20
CA ARG A 75 19.06 -3.25 -7.83
C ARG A 75 19.08 -4.49 -6.89
N VAL A 76 18.08 -5.35 -6.99
CA VAL A 76 18.11 -6.52 -6.15
C VAL A 76 19.30 -7.40 -6.54
N ASP A 77 19.59 -7.55 -7.83
CA ASP A 77 20.73 -8.36 -8.23
C ASP A 77 21.98 -7.81 -7.55
N GLU A 78 22.13 -6.49 -7.56
CA GLU A 78 23.32 -5.89 -6.97
C GLU A 78 23.48 -6.16 -5.47
N VAL A 79 22.37 -6.23 -4.77
CA VAL A 79 22.38 -6.50 -3.36
C VAL A 79 22.73 -7.95 -3.14
N ILE A 80 22.06 -8.84 -3.84
CA ILE A 80 22.37 -10.25 -3.64
C ILE A 80 23.82 -10.55 -3.96
N ASN A 81 24.31 -10.03 -5.09
CA ASN A 81 25.69 -10.33 -5.44
C ASN A 81 26.68 -9.65 -4.49
N GLY A 82 26.27 -8.54 -3.89
CA GLY A 82 27.15 -7.84 -2.97
C GLY A 82 27.37 -8.74 -1.76
N ALA A 83 26.30 -9.37 -1.29
CA ALA A 83 26.44 -10.26 -0.15
C ALA A 83 27.22 -11.54 -0.53
N LEU A 84 26.89 -12.14 -1.67
CA LEU A 84 27.60 -13.34 -2.09
C LEU A 84 29.11 -13.13 -2.24
N LYS A 85 29.52 -11.92 -2.60
CA LYS A 85 30.93 -11.60 -2.77
C LYS A 85 31.69 -11.83 -1.43
N ARG A 86 31.04 -11.58 -0.30
CA ARG A 86 31.71 -11.72 0.99
C ARG A 86 31.61 -13.10 1.59
N GLY A 87 30.96 -14.01 0.89
CA GLY A 87 30.81 -15.37 1.41
C GLY A 87 29.61 -15.49 2.34
N LEU A 88 28.72 -14.49 2.31
CA LEU A 88 27.52 -14.53 3.14
C LEU A 88 26.45 -15.34 2.41
N ALA A 89 25.67 -16.14 3.14
CA ALA A 89 24.56 -16.75 2.43
C ALA A 89 23.47 -15.64 2.42
N VAL A 90 22.44 -15.82 1.59
CA VAL A 90 21.41 -14.79 1.44
C VAL A 90 20.00 -15.33 1.37
N VAL A 91 19.11 -14.73 2.17
CA VAL A 91 17.67 -15.07 2.15
C VAL A 91 16.96 -13.85 1.51
N ILE A 92 16.19 -14.08 0.44
CA ILE A 92 15.39 -13.03 -0.13
C ILE A 92 13.93 -13.47 0.04
N ASN A 93 13.02 -12.53 0.15
CA ASN A 93 11.61 -12.87 0.32
C ASN A 93 10.70 -11.92 -0.47
N ILE A 94 9.42 -12.03 -0.31
CA ILE A 94 8.42 -11.11 -0.74
C ILE A 94 7.80 -10.58 0.60
N HIS A 95 7.91 -9.28 0.76
CA HIS A 95 7.60 -8.63 2.01
C HIS A 95 6.60 -7.41 1.80
N HIS A 96 5.70 -7.25 2.77
CA HIS A 96 4.69 -6.19 2.69
C HIS A 96 3.88 -6.18 1.40
N TYR A 97 3.38 -7.34 1.00
CA TYR A 97 2.48 -7.38 -0.17
C TYR A 97 1.10 -7.27 0.50
N GLU A 98 0.70 -6.07 0.91
CA GLU A 98 -0.55 -5.93 1.62
C GLU A 98 -1.81 -6.35 0.90
N GLU A 99 -1.89 -6.10 -0.40
CA GLU A 99 -3.12 -6.47 -1.11
C GLU A 99 -3.34 -7.96 -1.07
N LEU A 100 -2.25 -8.73 -1.11
CA LEU A 100 -2.34 -10.20 -1.09
C LEU A 100 -2.92 -10.63 0.26
N MET A 101 -2.53 -9.93 1.34
CA MET A 101 -3.05 -10.26 2.69
C MET A 101 -4.56 -9.89 2.80
N ASN A 102 -4.94 -8.77 2.20
CA ASN A 102 -6.32 -8.32 2.27
C ASN A 102 -7.23 -8.99 1.25
N ASP A 103 -6.68 -9.37 0.11
CA ASP A 103 -7.52 -10.00 -0.93
C ASP A 103 -6.69 -11.05 -1.64
N PRO A 104 -6.39 -12.15 -0.95
CA PRO A 104 -5.57 -13.18 -1.58
C PRO A 104 -6.11 -13.78 -2.87
N GLU A 105 -7.43 -13.80 -3.01
CA GLU A 105 -8.09 -14.34 -4.19
C GLU A 105 -7.69 -13.55 -5.41
N GLU A 106 -7.77 -12.23 -5.29
CA GLU A 106 -7.45 -11.36 -6.39
C GLU A 106 -5.96 -11.26 -6.74
N HIS A 107 -5.11 -11.52 -5.76
CA HIS A 107 -3.66 -11.40 -5.98
C HIS A 107 -2.89 -12.68 -6.07
N LYS A 108 -3.61 -13.79 -6.05
CA LYS A 108 -2.95 -15.07 -6.12
C LYS A 108 -2.09 -15.22 -7.35
N GLU A 109 -2.64 -14.93 -8.54
CA GLU A 109 -1.86 -15.10 -9.75
C GLU A 109 -0.72 -14.10 -9.92
N ARG A 110 -0.90 -12.92 -9.36
CA ARG A 110 0.19 -11.95 -9.44
C ARG A 110 1.31 -12.43 -8.55
N PHE A 111 0.97 -12.89 -7.35
CA PHE A 111 1.96 -13.38 -6.43
C PHE A 111 2.75 -14.52 -7.04
N LEU A 112 2.05 -15.44 -7.71
CA LEU A 112 2.74 -16.57 -8.33
C LEU A 112 3.56 -16.12 -9.54
N ALA A 113 3.15 -15.06 -10.21
CA ALA A 113 3.92 -14.56 -11.32
C ALA A 113 5.21 -13.92 -10.80
N LEU A 114 5.14 -13.32 -9.62
CA LEU A 114 6.37 -12.70 -9.07
C LEU A 114 7.36 -13.83 -8.78
N TRP A 115 6.91 -14.91 -8.15
CA TRP A 115 7.82 -16.02 -7.86
C TRP A 115 8.34 -16.67 -9.13
N LYS A 116 7.48 -16.78 -10.16
CA LYS A 116 7.96 -17.36 -11.43
C LYS A 116 9.15 -16.51 -11.92
N GLN A 117 9.02 -15.19 -11.86
CA GLN A 117 10.10 -14.34 -12.35
C GLN A 117 11.34 -14.32 -11.47
N ILE A 118 11.13 -14.37 -10.15
CA ILE A 118 12.27 -14.35 -9.22
C ILE A 118 13.04 -15.67 -9.35
N ALA A 119 12.33 -16.81 -9.34
CA ALA A 119 13.00 -18.10 -9.51
C ALA A 119 13.74 -18.18 -10.85
N ASP A 120 13.11 -17.71 -11.92
CA ASP A 120 13.74 -17.73 -13.24
C ASP A 120 15.01 -16.94 -13.15
N ARG A 121 14.92 -15.77 -12.54
CA ARG A 121 16.09 -14.87 -12.43
C ARG A 121 17.32 -15.44 -11.73
N TYR A 122 17.07 -16.11 -10.63
CA TYR A 122 18.13 -16.59 -9.76
C TYR A 122 18.31 -18.12 -9.76
N LYS A 123 17.61 -18.85 -10.62
CA LYS A 123 17.76 -20.30 -10.58
C LYS A 123 19.21 -20.83 -10.71
N ASP A 124 20.07 -20.09 -11.39
CA ASP A 124 21.46 -20.51 -11.53
C ASP A 124 22.43 -19.84 -10.53
N TYR A 125 21.89 -19.10 -9.59
CA TYR A 125 22.75 -18.50 -8.55
C TYR A 125 23.20 -19.62 -7.61
N PRO A 126 24.24 -19.35 -6.79
CA PRO A 126 24.80 -20.31 -5.82
C PRO A 126 23.75 -20.90 -4.87
N GLU A 127 24.05 -22.09 -4.33
CA GLU A 127 23.12 -22.76 -3.43
C GLU A 127 23.03 -22.09 -2.10
N THR A 128 23.80 -21.02 -1.89
CA THR A 128 23.74 -20.29 -0.64
C THR A 128 22.68 -19.16 -0.68
N LEU A 129 21.92 -19.11 -1.76
CA LEU A 129 20.81 -18.18 -1.88
C LEU A 129 19.56 -19.00 -1.48
N PHE A 130 18.72 -18.41 -0.62
CA PHE A 130 17.49 -19.05 -0.14
C PHE A 130 16.26 -18.24 -0.55
N PHE A 131 15.19 -18.93 -0.94
CA PHE A 131 13.95 -18.26 -1.36
C PHE A 131 12.89 -18.34 -0.28
N GLU A 132 12.56 -17.22 0.33
CA GLU A 132 11.51 -17.17 1.37
C GLU A 132 10.16 -16.77 0.77
N ILE A 133 9.20 -17.72 0.68
CA ILE A 133 7.91 -17.48 0.03
C ILE A 133 7.16 -16.20 0.34
N LEU A 134 6.90 -15.94 1.62
CA LEU A 134 6.17 -14.75 1.93
C LEU A 134 6.32 -14.40 3.40
N ASN A 135 6.66 -13.14 3.66
CA ASN A 135 6.82 -12.66 5.03
C ASN A 135 5.48 -12.45 5.71
N GLU A 136 5.37 -13.02 6.90
CA GLU A 136 4.19 -12.88 7.77
C GLU A 136 2.77 -12.85 7.20
N PRO A 137 2.37 -13.92 6.57
CA PRO A 137 1.04 -13.96 6.12
C PRO A 137 0.03 -13.68 7.24
N HIS A 138 -0.99 -12.97 6.95
CA HIS A 138 -1.92 -12.50 7.94
C HIS A 138 -3.28 -12.02 7.40
N GLY A 139 -4.12 -11.54 8.27
CA GLY A 139 -5.37 -10.98 7.78
C GLY A 139 -6.27 -11.99 7.07
N ASN A 140 -6.75 -11.65 5.87
CA ASN A 140 -7.64 -12.55 5.12
C ASN A 140 -6.89 -13.73 4.51
N LEU A 141 -5.56 -13.70 4.57
CA LEU A 141 -4.76 -14.82 4.11
C LEU A 141 -4.60 -15.67 5.36
N THR A 142 -5.68 -16.39 5.64
CA THR A 142 -5.82 -17.23 6.83
C THR A 142 -4.95 -18.46 6.82
N PRO A 143 -4.69 -19.02 8.01
CA PRO A 143 -3.85 -20.23 8.09
C PRO A 143 -4.24 -21.22 7.00
N GLU A 144 -5.54 -21.41 6.83
CA GLU A 144 -6.05 -22.33 5.81
C GLU A 144 -5.74 -21.92 4.40
N LYS A 145 -5.94 -20.63 4.10
CA LYS A 145 -5.64 -20.14 2.76
C LYS A 145 -4.12 -20.14 2.54
N TRP A 146 -3.35 -19.91 3.60
CA TRP A 146 -1.87 -19.92 3.46
C TRP A 146 -1.39 -21.34 3.12
N ASN A 147 -1.92 -22.35 3.80
CA ASN A 147 -1.45 -23.68 3.46
C ASN A 147 -1.67 -23.96 2.00
N GLU A 148 -2.72 -23.41 1.41
CA GLU A 148 -2.99 -23.69 -0.01
C GLU A 148 -2.13 -22.83 -0.93
N LEU A 149 -1.90 -21.59 -0.51
CA LEU A 149 -1.11 -20.72 -1.35
C LEU A 149 0.36 -21.14 -1.33
N LEU A 150 0.89 -21.52 -0.17
CA LEU A 150 2.29 -21.90 -0.10
C LEU A 150 2.54 -23.13 -0.97
N GLU A 151 1.60 -24.09 -0.97
CA GLU A 151 1.80 -25.26 -1.81
C GLU A 151 1.84 -24.86 -3.29
N GLU A 152 1.05 -23.86 -3.67
CA GLU A 152 1.02 -23.40 -5.04
C GLU A 152 2.35 -22.72 -5.41
N ALA A 153 2.86 -21.95 -4.46
CA ALA A 153 4.13 -21.25 -4.65
C ALA A 153 5.25 -22.28 -4.81
N LEU A 154 5.24 -23.31 -3.94
CA LEU A 154 6.25 -24.36 -4.04
C LEU A 154 6.21 -24.98 -5.43
N LYS A 155 5.01 -25.26 -5.92
CA LYS A 155 4.92 -25.88 -7.25
C LYS A 155 5.49 -24.98 -8.31
N VAL A 156 5.20 -23.69 -8.19
CA VAL A 156 5.71 -22.72 -9.14
C VAL A 156 7.23 -22.68 -9.07
N ILE A 157 7.78 -22.54 -7.85
CA ILE A 157 9.23 -22.46 -7.71
C ILE A 157 9.95 -23.72 -8.16
N ARG A 158 9.48 -24.87 -7.68
CA ARG A 158 10.09 -26.14 -7.99
C ARG A 158 10.00 -26.53 -9.48
N SER A 159 9.12 -25.89 -10.23
CA SER A 159 8.97 -26.17 -11.66
C SER A 159 10.14 -25.58 -12.45
N ILE A 160 10.83 -24.65 -11.79
CA ILE A 160 11.91 -23.91 -12.39
C ILE A 160 13.26 -24.16 -11.75
N ASP A 161 13.23 -24.41 -10.44
CA ASP A 161 14.44 -24.51 -9.61
C ASP A 161 14.37 -25.66 -8.61
N LYS A 162 15.23 -26.64 -8.82
CA LYS A 162 15.27 -27.83 -7.98
C LYS A 162 16.46 -27.81 -7.08
N LYS A 163 17.15 -26.67 -7.04
CA LYS A 163 18.36 -26.55 -6.27
C LYS A 163 18.31 -25.78 -4.97
N HIS A 164 17.66 -24.62 -4.98
CA HIS A 164 17.64 -23.80 -3.79
C HIS A 164 16.67 -24.20 -2.70
N THR A 165 17.10 -24.02 -1.47
CA THR A 165 16.26 -24.32 -0.31
C THR A 165 15.17 -23.22 -0.21
N ILE A 166 13.95 -23.63 0.13
CA ILE A 166 12.85 -22.69 0.27
C ILE A 166 12.49 -22.52 1.74
N ILE A 167 12.13 -21.29 2.11
CA ILE A 167 11.76 -21.01 3.48
C ILE A 167 10.28 -20.66 3.57
N ILE A 168 9.59 -21.40 4.43
CA ILE A 168 8.13 -21.32 4.65
C ILE A 168 7.77 -20.82 6.04
N GLY A 169 7.04 -19.70 6.12
CA GLY A 169 6.66 -19.13 7.37
C GLY A 169 5.30 -19.56 7.85
N THR A 170 4.87 -19.02 8.98
CA THR A 170 3.55 -19.39 9.54
C THR A 170 2.56 -18.26 9.28
N ALA A 171 1.28 -18.55 9.48
CA ALA A 171 0.24 -17.55 9.28
C ALA A 171 0.02 -16.77 10.56
N GLU A 172 -1.09 -16.03 10.63
CA GLU A 172 -1.35 -15.20 11.78
C GLU A 172 -0.14 -14.35 12.21
N TRP A 173 0.50 -13.75 11.20
CA TRP A 173 1.65 -12.87 11.40
C TRP A 173 3.02 -13.53 11.63
N GLY A 174 3.08 -14.82 11.37
CA GLY A 174 4.34 -15.54 11.39
C GLY A 174 4.99 -15.92 12.69
N GLY A 175 4.24 -15.85 13.77
CA GLY A 175 4.76 -16.23 15.08
C GLY A 175 4.40 -17.65 15.40
N ILE A 176 4.32 -17.95 16.68
CA ILE A 176 4.01 -19.31 17.06
C ILE A 176 2.54 -19.65 17.11
N SER A 177 1.68 -18.63 17.13
CA SER A 177 0.23 -18.87 17.27
C SER A 177 -0.46 -19.77 16.25
N ALA A 178 0.04 -19.84 15.03
CA ALA A 178 -0.59 -20.69 14.01
C ALA A 178 0.37 -21.80 13.56
N LEU A 179 1.47 -21.97 14.28
CA LEU A 179 2.42 -22.98 13.89
C LEU A 179 1.78 -24.34 13.77
N GLU A 180 1.02 -24.74 14.79
CA GLU A 180 0.38 -26.05 14.76
C GLU A 180 -0.60 -26.24 13.61
N LYS A 181 -1.03 -25.14 13.00
CA LYS A 181 -1.94 -25.21 11.87
C LYS A 181 -1.18 -25.29 10.52
N LEU A 182 0.12 -24.98 10.54
CA LEU A 182 0.92 -25.02 9.30
C LEU A 182 1.06 -26.43 8.72
N SER A 183 0.95 -26.54 7.39
CA SER A 183 1.10 -27.82 6.74
C SER A 183 2.01 -27.70 5.51
N VAL A 184 3.17 -28.33 5.56
CA VAL A 184 4.10 -28.31 4.42
C VAL A 184 3.91 -29.65 3.68
N PRO A 185 3.74 -29.63 2.34
CA PRO A 185 3.54 -30.84 1.55
C PRO A 185 4.63 -31.89 1.75
N LYS A 186 4.18 -33.12 1.98
CA LYS A 186 5.12 -34.21 2.17
C LYS A 186 6.11 -34.35 1.01
N TRP A 187 5.67 -34.05 -0.22
CA TRP A 187 6.54 -34.17 -1.38
C TRP A 187 7.70 -33.17 -1.39
N GLU A 188 7.65 -32.11 -0.59
CA GLU A 188 8.74 -31.12 -0.61
C GLU A 188 9.70 -31.52 0.49
N LYS A 189 10.97 -31.70 0.12
CA LYS A 189 11.96 -32.17 1.07
C LYS A 189 13.17 -31.25 1.20
N ASN A 190 13.06 -30.06 0.61
CA ASN A 190 14.16 -29.10 0.61
C ASN A 190 13.72 -27.72 1.16
N SER A 191 12.97 -27.73 2.27
CA SER A 191 12.46 -26.50 2.89
C SER A 191 12.74 -26.37 4.38
N ILE A 192 12.83 -25.14 4.84
CA ILE A 192 13.08 -24.82 6.25
C ILE A 192 11.87 -24.01 6.72
N VAL A 193 11.40 -24.25 7.94
CA VAL A 193 10.29 -23.47 8.46
C VAL A 193 10.81 -22.27 9.24
N THR A 194 10.20 -21.12 9.02
CA THR A 194 10.65 -19.93 9.69
C THR A 194 9.57 -19.37 10.59
N ILE A 195 10.01 -18.83 11.73
CA ILE A 195 9.13 -18.26 12.72
C ILE A 195 9.80 -16.96 13.22
N HIS A 196 9.00 -15.92 13.42
CA HIS A 196 9.51 -14.67 13.95
C HIS A 196 9.16 -14.68 15.45
N TYR A 197 10.07 -14.20 16.27
CA TYR A 197 9.87 -14.24 17.72
C TYR A 197 10.05 -12.88 18.34
N TYR A 198 8.94 -12.32 18.85
CA TYR A 198 9.01 -11.00 19.44
C TYR A 198 8.31 -11.00 20.77
N ASN A 199 8.15 -12.19 21.33
CA ASN A 199 7.49 -12.33 22.63
C ASN A 199 8.43 -12.02 23.80
N PRO A 200 7.92 -11.28 24.80
CA PRO A 200 6.55 -10.71 24.92
C PRO A 200 6.41 -9.52 23.98
N PHE A 201 5.38 -9.52 23.13
CA PHE A 201 5.16 -8.45 22.15
C PHE A 201 5.11 -7.06 22.79
N GLU A 202 4.44 -6.93 23.95
CA GLU A 202 4.40 -5.60 24.58
C GLU A 202 5.79 -5.06 24.96
N PHE A 203 6.69 -5.98 25.31
CA PHE A 203 8.05 -5.63 25.64
C PHE A 203 8.84 -5.29 24.36
N THR A 204 8.88 -6.18 23.43
CA THR A 204 9.64 -5.89 22.16
C THR A 204 9.22 -4.68 21.29
N HIS A 205 7.94 -4.44 21.36
CA HIS A 205 7.24 -3.46 20.60
C HIS A 205 6.76 -2.23 21.34
N GLN A 206 7.21 -2.09 22.59
CA GLN A 206 6.72 -0.96 23.34
C GLN A 206 7.06 0.35 22.65
N GLY A 207 6.05 1.21 22.48
CA GLY A 207 6.27 2.50 21.86
C GLY A 207 6.43 2.47 20.35
N ALA A 208 6.34 1.29 19.77
CA ALA A 208 6.50 1.17 18.30
C ALA A 208 5.42 2.05 17.64
N GLU A 209 5.86 3.04 16.87
CA GLU A 209 4.93 3.96 16.22
C GLU A 209 3.94 3.34 15.25
N TRP A 210 4.26 2.17 14.72
CA TRP A 210 3.38 1.53 13.75
C TRP A 210 2.43 0.50 14.37
N VAL A 211 2.43 0.40 15.69
CA VAL A 211 1.56 -0.55 16.37
C VAL A 211 0.58 0.18 17.25
N GLU A 212 -0.69 0.02 16.94
CA GLU A 212 -1.77 0.67 17.67
C GLU A 212 -1.82 0.35 19.16
N GLY A 213 -1.70 1.40 19.97
CA GLY A 213 -1.77 1.28 21.42
C GLY A 213 -0.49 0.85 22.12
N SER A 214 0.64 0.99 21.41
CA SER A 214 1.95 0.58 21.94
C SER A 214 2.51 1.52 23.01
N GLU A 215 1.98 2.74 23.03
CA GLU A 215 2.36 3.77 23.99
C GLU A 215 2.13 3.23 25.42
N LYS A 216 1.15 2.34 25.55
CA LYS A 216 0.79 1.73 26.83
C LYS A 216 1.81 0.71 27.34
N TRP A 217 3.00 0.66 26.72
CA TRP A 217 3.98 -0.33 27.14
C TRP A 217 5.31 0.32 27.48
N LEU A 218 5.46 1.58 27.14
CA LEU A 218 6.70 2.30 27.41
C LEU A 218 7.22 2.13 28.85
N GLY A 219 8.44 1.63 28.97
CA GLY A 219 9.00 1.41 30.29
C GLY A 219 9.01 -0.05 30.73
N ARG A 220 8.15 -0.88 30.15
CA ARG A 220 8.12 -2.31 30.52
C ARG A 220 9.54 -2.94 30.43
N LYS A 221 9.95 -3.67 31.47
CA LYS A 221 11.27 -4.31 31.49
C LYS A 221 11.19 -5.84 31.22
N TRP A 222 12.32 -6.51 31.02
CA TRP A 222 12.32 -7.97 30.76
C TRP A 222 13.56 -8.55 31.44
N GLY A 223 13.46 -9.77 31.95
CA GLY A 223 14.65 -10.32 32.61
C GLY A 223 14.47 -11.15 33.89
N SER A 224 13.25 -11.20 34.42
CA SER A 224 13.03 -11.98 35.64
C SER A 224 13.13 -13.47 35.32
N PRO A 225 13.36 -14.31 36.35
CA PRO A 225 13.45 -15.75 36.13
C PRO A 225 12.17 -16.26 35.47
N ASP A 226 11.01 -15.67 35.80
CA ASP A 226 9.76 -16.12 35.18
C ASP A 226 9.69 -15.73 33.68
N ASP A 227 10.26 -14.58 33.34
CA ASP A 227 10.36 -14.14 31.93
C ASP A 227 11.19 -15.18 31.16
N GLN A 228 12.31 -15.59 31.76
CA GLN A 228 13.19 -16.57 31.14
C GLN A 228 12.50 -17.92 31.03
N LYS A 229 11.82 -18.31 32.09
CA LYS A 229 11.10 -19.59 32.10
C LYS A 229 10.01 -19.61 31.04
N HIS A 230 9.32 -18.49 30.90
CA HIS A 230 8.27 -18.45 29.90
C HIS A 230 8.83 -18.51 28.46
N LEU A 231 9.93 -17.81 28.20
CA LEU A 231 10.50 -17.84 26.84
C LEU A 231 10.90 -19.30 26.55
N ILE A 232 11.60 -19.90 27.50
CA ILE A 232 12.03 -21.29 27.32
C ILE A 232 10.86 -22.19 26.98
N GLU A 233 9.72 -22.03 27.64
CA GLU A 233 8.59 -22.91 27.35
C GLU A 233 8.04 -22.72 25.94
N GLU A 234 8.10 -21.50 25.43
CA GLU A 234 7.61 -21.28 24.09
C GLU A 234 8.62 -21.92 23.12
N PHE A 235 9.92 -21.76 23.39
CA PHE A 235 10.89 -22.38 22.49
C PHE A 235 10.70 -23.90 22.52
N ASN A 236 10.45 -24.45 23.72
CA ASN A 236 10.25 -25.89 23.81
C ASN A 236 9.12 -26.36 22.89
N PHE A 237 8.04 -25.59 22.82
CA PHE A 237 6.91 -25.95 21.93
C PHE A 237 7.30 -25.93 20.44
N ILE A 238 8.08 -24.92 20.05
CA ILE A 238 8.53 -24.86 18.67
C ILE A 238 9.42 -26.09 18.36
N GLU A 239 10.35 -26.38 19.28
CA GLU A 239 11.26 -27.50 19.11
C GLU A 239 10.48 -28.79 18.89
N GLU A 240 9.49 -29.02 19.75
CA GLU A 240 8.72 -30.24 19.61
C GLU A 240 7.97 -30.36 18.29
N TRP A 241 7.50 -29.22 17.77
CA TRP A 241 6.77 -29.21 16.50
C TRP A 241 7.76 -29.60 15.40
N SER A 242 8.95 -29.03 15.52
CA SER A 242 10.03 -29.31 14.58
C SER A 242 10.35 -30.81 14.58
N LYS A 243 10.47 -31.38 15.77
CA LYS A 243 10.81 -32.78 15.95
C LYS A 243 9.73 -33.66 15.29
N LYS A 244 8.49 -33.29 15.55
CA LYS A 244 7.35 -34.01 15.04
C LYS A 244 7.17 -33.96 13.54
N ASN A 245 7.36 -32.78 12.96
CA ASN A 245 7.18 -32.62 11.52
C ASN A 245 8.46 -32.79 10.72
N LYS A 246 9.59 -32.89 11.40
CA LYS A 246 10.85 -33.07 10.71
C LYS A 246 11.16 -31.93 9.75
N ARG A 247 11.22 -30.71 10.28
CA ARG A 247 11.56 -29.55 9.47
C ARG A 247 12.50 -28.72 10.32
N PRO A 248 13.59 -28.18 9.73
CA PRO A 248 14.58 -27.35 10.40
C PRO A 248 13.86 -26.03 10.73
N ILE A 249 14.33 -25.32 11.74
CA ILE A 249 13.68 -24.08 12.14
C ILE A 249 14.67 -22.92 11.98
N TYR A 250 14.14 -21.85 11.39
CA TYR A 250 14.87 -20.62 11.17
C TYR A 250 14.04 -19.53 11.85
N ILE A 251 14.61 -18.84 12.84
CA ILE A 251 13.91 -17.73 13.49
C ILE A 251 14.39 -16.53 12.66
N GLY A 252 13.67 -16.28 11.56
CA GLY A 252 14.01 -15.24 10.59
C GLY A 252 13.97 -13.78 11.00
N ALA A 253 13.39 -13.51 12.17
CA ALA A 253 13.35 -12.14 12.70
C ALA A 253 13.02 -12.18 14.19
N PHE A 254 13.78 -11.42 14.98
CA PHE A 254 13.62 -11.29 16.44
C PHE A 254 14.43 -10.07 16.91
N GLY A 255 13.92 -9.31 17.88
CA GLY A 255 14.67 -8.14 18.34
C GLY A 255 13.78 -7.26 19.20
N ALA A 256 14.37 -6.32 19.94
CA ALA A 256 13.61 -5.44 20.82
C ALA A 256 13.84 -4.02 20.35
N TYR A 257 12.77 -3.25 20.25
CA TYR A 257 12.82 -1.88 19.77
C TYR A 257 13.65 -0.93 20.66
N ARG A 258 14.22 0.09 20.05
CA ARG A 258 15.08 1.04 20.77
C ARG A 258 14.42 1.72 21.97
N LYS A 259 13.11 1.84 21.99
CA LYS A 259 12.45 2.49 23.14
C LYS A 259 12.52 1.71 24.48
N ALA A 260 12.66 0.38 24.43
CA ALA A 260 12.79 -0.45 25.65
C ALA A 260 14.16 -0.15 26.29
N ASP A 261 14.25 -0.19 27.63
CA ASP A 261 15.53 0.10 28.28
C ASP A 261 16.65 -0.81 27.76
N LEU A 262 17.81 -0.22 27.50
CA LEU A 262 18.93 -0.99 26.95
C LEU A 262 19.22 -2.26 27.73
N GLU A 263 19.34 -2.17 29.05
CA GLU A 263 19.64 -3.39 29.77
C GLU A 263 18.69 -4.54 29.55
N SER A 264 17.38 -4.27 29.43
CA SER A 264 16.39 -5.34 29.20
C SER A 264 16.53 -5.92 27.77
N ARG A 265 16.82 -5.03 26.81
CA ARG A 265 17.03 -5.42 25.40
C ARG A 265 18.20 -6.37 25.31
N ILE A 266 19.32 -5.98 25.94
CA ILE A 266 20.50 -6.83 25.93
C ILE A 266 20.15 -8.14 26.63
N LYS A 267 19.55 -8.06 27.79
CA LYS A 267 19.21 -9.30 28.48
C LYS A 267 18.29 -10.18 27.64
N TRP A 268 17.29 -9.58 27.01
CA TRP A 268 16.34 -10.36 26.20
C TRP A 268 17.04 -10.95 24.96
N THR A 269 17.84 -10.13 24.29
CA THR A 269 18.53 -10.56 23.06
C THR A 269 19.57 -11.65 23.35
N SER A 270 20.40 -11.40 24.36
CA SER A 270 21.44 -12.38 24.67
C SER A 270 20.77 -13.68 25.06
N PHE A 271 19.67 -13.60 25.79
CA PHE A 271 18.99 -14.84 26.18
C PHE A 271 18.32 -15.60 25.04
N VAL A 272 17.66 -14.88 24.14
CA VAL A 272 17.01 -15.55 23.01
C VAL A 272 18.05 -16.28 22.16
N VAL A 273 19.17 -15.64 21.88
CA VAL A 273 20.19 -16.29 21.09
C VAL A 273 20.70 -17.55 21.77
N ARG A 274 21.03 -17.47 23.07
CA ARG A 274 21.50 -18.67 23.75
C ARG A 274 20.48 -19.78 23.63
N GLU A 275 19.20 -19.47 23.80
CA GLU A 275 18.22 -20.56 23.74
C GLU A 275 17.95 -21.11 22.34
N MET A 276 18.11 -20.29 21.31
CA MET A 276 17.91 -20.76 19.92
C MET A 276 19.06 -21.69 19.53
N GLU A 277 20.28 -21.25 19.85
CA GLU A 277 21.48 -22.02 19.55
C GLU A 277 21.42 -23.38 20.24
N LYS A 278 20.97 -23.43 21.50
CA LYS A 278 20.89 -24.71 22.20
C LYS A 278 20.07 -25.66 21.35
N ARG A 279 19.08 -25.13 20.64
CA ARG A 279 18.22 -25.94 19.81
C ARG A 279 18.67 -26.06 18.36
N ARG A 280 19.85 -25.51 18.08
CA ARG A 280 20.50 -25.56 16.80
C ARG A 280 19.74 -24.86 15.68
N TRP A 281 18.91 -23.89 16.04
CA TRP A 281 18.16 -23.18 14.98
C TRP A 281 19.04 -22.13 14.30
N SER A 282 18.74 -21.80 13.05
CA SER A 282 19.47 -20.70 12.39
C SER A 282 18.63 -19.47 12.76
N TRP A 283 19.14 -18.25 12.57
CA TRP A 283 18.33 -17.11 12.93
C TRP A 283 18.83 -15.83 12.31
N ALA A 284 17.98 -14.81 12.32
CA ALA A 284 18.39 -13.52 11.81
C ALA A 284 17.81 -12.42 12.68
N TYR A 285 18.73 -11.64 13.24
CA TYR A 285 18.32 -10.52 14.09
C TYR A 285 17.61 -9.42 13.34
N TRP A 286 16.56 -8.87 13.98
CA TRP A 286 15.85 -7.73 13.39
C TRP A 286 16.24 -6.53 14.29
N GLU A 287 17.04 -5.59 13.80
CA GLU A 287 17.64 -5.59 12.47
C GLU A 287 18.99 -4.86 12.50
N PHE A 288 19.62 -4.72 11.34
CA PHE A 288 20.97 -4.18 11.28
C PHE A 288 21.28 -2.79 11.81
N CYS A 289 20.62 -1.78 11.27
CA CYS A 289 20.96 -0.41 11.62
C CYS A 289 19.87 0.63 11.75
N SER A 290 18.62 0.22 12.01
CA SER A 290 17.55 1.19 12.10
C SER A 290 16.99 1.22 13.52
N GLY A 291 15.68 1.33 13.68
CA GLY A 291 15.04 1.37 15.01
C GLY A 291 15.33 0.24 15.99
N PHE A 292 15.70 -0.94 15.46
CA PHE A 292 16.03 -2.09 16.30
C PHE A 292 17.53 -2.34 16.11
N GLY A 293 18.21 -1.41 15.46
CA GLY A 293 19.61 -1.52 15.10
C GLY A 293 20.69 -1.85 16.13
N VAL A 294 21.71 -2.55 15.66
CA VAL A 294 22.87 -2.91 16.46
C VAL A 294 24.13 -2.25 15.92
N TYR A 295 24.02 -1.69 14.73
CA TYR A 295 25.13 -1.01 14.10
C TYR A 295 24.76 0.44 13.79
N ASP A 296 25.66 1.36 14.13
CA ASP A 296 25.43 2.76 13.87
C ASP A 296 26.19 3.09 12.61
N THR A 297 25.47 3.33 11.51
CA THR A 297 26.10 3.57 10.23
C THR A 297 26.80 4.90 10.11
N LEU A 298 26.43 5.85 10.95
CA LEU A 298 27.06 7.16 10.94
C LEU A 298 28.40 7.07 11.66
N ARG A 299 28.42 6.54 12.87
CA ARG A 299 29.67 6.46 13.62
C ARG A 299 30.47 5.26 13.15
N LYS A 300 29.78 4.31 12.50
CA LYS A 300 30.41 3.09 12.01
C LYS A 300 30.90 2.25 13.14
N THR A 301 30.09 2.16 14.17
CA THR A 301 30.43 1.36 15.29
C THR A 301 29.23 0.52 15.64
N TRP A 302 29.51 -0.63 16.23
CA TRP A 302 28.48 -1.55 16.66
C TRP A 302 28.18 -1.21 18.11
N ASN A 303 26.97 -1.56 18.55
CA ASN A 303 26.56 -1.44 19.94
C ASN A 303 27.21 -2.71 20.48
N LYS A 304 28.41 -2.59 21.04
CA LYS A 304 29.14 -3.78 21.46
C LYS A 304 28.47 -4.73 22.41
N ASP A 305 27.69 -4.21 23.34
CA ASP A 305 27.02 -5.10 24.26
C ASP A 305 25.90 -5.88 23.57
N LEU A 306 25.23 -5.22 22.64
CA LEU A 306 24.18 -5.93 21.90
C LEU A 306 24.85 -6.89 20.91
N LEU A 307 25.94 -6.46 20.27
CA LEU A 307 26.62 -7.40 19.35
C LEU A 307 27.07 -8.64 20.14
N GLU A 308 27.68 -8.40 21.32
CA GLU A 308 28.14 -9.49 22.14
C GLU A 308 27.02 -10.49 22.34
N ALA A 309 25.79 -10.01 22.53
CA ALA A 309 24.62 -10.85 22.74
C ALA A 309 24.30 -11.73 21.55
N LEU A 310 24.56 -11.18 20.37
CA LEU A 310 24.27 -11.91 19.14
C LEU A 310 25.42 -12.83 18.80
N ILE A 311 26.63 -12.27 18.98
CA ILE A 311 27.93 -12.82 18.65
C ILE A 311 27.93 -13.22 17.21
N ASP B 4 -27.23 28.00 -5.70
CA ASP B 4 -26.18 28.68 -6.52
C ASP B 4 -24.93 27.75 -6.49
N PRO B 5 -24.55 27.18 -7.64
CA PRO B 5 -23.39 26.27 -7.72
C PRO B 5 -22.04 26.96 -7.48
N PHE B 6 -21.96 28.28 -7.71
CA PHE B 6 -20.72 29.01 -7.40
C PHE B 6 -20.57 29.17 -5.88
N GLU B 7 -21.69 29.27 -5.14
CA GLU B 7 -21.58 29.36 -3.69
C GLU B 7 -21.25 27.95 -3.20
N ARG B 8 -21.80 26.94 -3.88
CA ARG B 8 -21.50 25.56 -3.50
C ARG B 8 -20.00 25.27 -3.74
N ASN B 9 -19.43 25.87 -4.78
CA ASN B 9 -18.01 25.63 -5.07
C ASN B 9 -17.18 26.28 -3.97
N LYS B 10 -17.67 27.39 -3.45
CA LYS B 10 -17.02 28.07 -2.34
C LYS B 10 -17.11 27.19 -1.12
N ILE B 11 -18.26 26.56 -0.90
CA ILE B 11 -18.43 25.66 0.23
C ILE B 11 -17.41 24.49 0.17
N LEU B 12 -17.18 23.93 -1.02
CA LEU B 12 -16.18 22.86 -1.15
C LEU B 12 -14.79 23.34 -0.76
N GLY B 13 -14.33 24.37 -1.46
CA GLY B 13 -13.01 24.92 -1.19
C GLY B 13 -11.93 23.84 -1.17
N ARG B 14 -11.01 23.90 -0.23
CA ARG B 14 -9.93 22.90 -0.14
C ARG B 14 -10.42 21.52 0.35
N GLY B 15 -10.07 20.48 -0.39
CA GLY B 15 -10.53 19.15 -0.04
C GLY B 15 -9.50 18.06 -0.22
N ILE B 16 -9.87 16.85 0.19
CA ILE B 16 -8.98 15.71 0.04
C ILE B 16 -9.79 14.46 -0.20
N ASN B 17 -9.26 13.60 -1.08
CA ASN B 17 -9.89 12.32 -1.44
C ASN B 17 -9.49 11.25 -0.45
N ILE B 18 -10.45 10.41 -0.05
CA ILE B 18 -10.08 9.26 0.76
C ILE B 18 -10.22 8.13 -0.28
N GLY B 19 -9.12 7.87 -1.00
CA GLY B 19 -9.07 6.87 -2.02
C GLY B 19 -8.46 5.55 -1.57
N ASN B 20 -8.56 4.59 -2.50
CA ASN B 20 -8.12 3.21 -2.33
C ASN B 20 -8.98 2.56 -1.20
N ALA B 21 -10.23 3.00 -1.10
CA ALA B 21 -11.18 2.52 -0.06
C ALA B 21 -12.42 1.90 -0.67
N LEU B 22 -13.47 2.73 -0.79
CA LEU B 22 -14.75 2.27 -1.32
C LEU B 22 -14.85 2.07 -2.81
N GLU B 23 -13.85 2.54 -3.59
CA GLU B 23 -13.87 2.37 -5.05
C GLU B 23 -13.19 1.04 -5.43
N ALA B 24 -12.63 0.37 -4.45
CA ALA B 24 -12.05 -0.98 -4.67
C ALA B 24 -13.26 -1.93 -4.75
N PRO B 25 -13.06 -3.19 -5.15
CA PRO B 25 -14.24 -4.09 -5.22
C PRO B 25 -15.01 -4.23 -3.88
N ASN B 26 -14.25 -4.27 -2.79
CA ASN B 26 -14.81 -4.37 -1.46
C ASN B 26 -13.90 -3.43 -0.69
N GLU B 27 -14.45 -2.69 0.25
CA GLU B 27 -13.64 -1.75 1.05
C GLU B 27 -12.54 -2.46 1.77
N GLY B 28 -11.35 -1.85 1.77
CA GLY B 28 -10.17 -2.44 2.38
C GLY B 28 -9.32 -3.26 1.41
N ASP B 29 -9.92 -3.73 0.30
CA ASP B 29 -9.18 -4.55 -0.71
C ASP B 29 -7.96 -3.79 -1.25
N TRP B 30 -8.07 -2.46 -1.37
CA TRP B 30 -6.93 -1.73 -1.93
C TRP B 30 -6.13 -1.02 -0.85
N GLY B 31 -6.34 -1.45 0.38
CA GLY B 31 -5.53 -0.92 1.48
C GLY B 31 -6.10 0.06 2.48
N VAL B 32 -7.25 0.63 2.16
CA VAL B 32 -7.81 1.64 3.03
C VAL B 32 -9.21 1.37 3.51
N VAL B 33 -9.41 1.37 4.82
CA VAL B 33 -10.76 1.24 5.34
C VAL B 33 -11.04 2.60 5.93
N ILE B 34 -12.21 3.16 5.64
CA ILE B 34 -12.49 4.50 6.16
C ILE B 34 -12.92 4.49 7.63
N LYS B 35 -11.99 4.95 8.46
CA LYS B 35 -12.20 5.04 9.91
C LYS B 35 -12.88 6.35 10.22
N ASP B 36 -13.82 6.33 11.14
CA ASP B 36 -14.51 7.55 11.48
C ASP B 36 -13.54 8.61 11.97
N GLU B 37 -12.46 8.22 12.64
CA GLU B 37 -11.48 9.21 13.12
C GLU B 37 -10.75 9.98 12.01
N PHE B 38 -10.78 9.48 10.78
CA PHE B 38 -10.13 10.18 9.65
C PHE B 38 -10.72 11.59 9.50
N PHE B 39 -12.02 11.70 9.78
CA PHE B 39 -12.68 12.99 9.66
C PHE B 39 -12.20 14.02 10.64
N ASP B 40 -11.81 13.59 11.84
CA ASP B 40 -11.29 14.57 12.78
C ASP B 40 -9.92 15.03 12.31
N ILE B 41 -9.13 14.08 11.84
CA ILE B 41 -7.78 14.36 11.37
C ILE B 41 -7.77 15.36 10.21
N ILE B 42 -8.66 15.11 9.25
CA ILE B 42 -8.79 15.94 8.06
C ILE B 42 -9.27 17.38 8.35
N LYS B 43 -10.29 17.49 9.17
CA LYS B 43 -10.83 18.80 9.50
C LYS B 43 -9.80 19.61 10.30
N GLU B 44 -9.12 18.94 11.21
CA GLU B 44 -8.11 19.61 12.02
C GLU B 44 -6.97 20.19 11.18
N ALA B 45 -6.64 19.51 10.07
CA ALA B 45 -5.56 19.97 9.20
C ALA B 45 -5.90 21.24 8.42
N GLY B 46 -7.21 21.51 8.28
CA GLY B 46 -7.62 22.71 7.57
C GLY B 46 -8.39 22.43 6.28
N PHE B 47 -8.79 21.19 6.04
CA PHE B 47 -9.56 20.88 4.82
C PHE B 47 -11.02 21.26 5.09
N SER B 48 -11.74 21.58 4.02
CA SER B 48 -13.13 21.96 4.07
C SER B 48 -14.08 20.84 3.57
N HIS B 49 -13.57 19.90 2.77
CA HIS B 49 -14.42 18.79 2.31
C HIS B 49 -13.61 17.54 2.02
N VAL B 50 -14.32 16.43 1.82
CA VAL B 50 -13.69 15.16 1.45
C VAL B 50 -14.43 14.61 0.25
N ARG B 51 -13.69 14.01 -0.67
CA ARG B 51 -14.29 13.38 -1.81
C ARG B 51 -14.17 11.90 -1.51
N ILE B 52 -15.25 11.14 -1.74
CA ILE B 52 -15.32 9.70 -1.48
C ILE B 52 -15.65 8.92 -2.72
N PRO B 53 -14.65 8.26 -3.32
CA PRO B 53 -14.77 7.42 -4.52
C PRO B 53 -15.62 6.20 -4.08
N ILE B 54 -16.64 5.81 -4.86
CA ILE B 54 -17.46 4.66 -4.46
C ILE B 54 -17.78 3.79 -5.61
N ARG B 55 -17.43 2.51 -5.49
CA ARG B 55 -17.75 1.55 -6.55
C ARG B 55 -19.11 0.86 -6.28
N TRP B 56 -20.20 1.57 -6.61
CA TRP B 56 -21.57 1.06 -6.45
C TRP B 56 -21.89 -0.10 -7.39
N SER B 57 -21.22 -0.16 -8.52
CA SER B 57 -21.54 -1.18 -9.51
C SER B 57 -21.33 -2.59 -9.01
N THR B 58 -20.44 -2.75 -8.03
CA THR B 58 -20.11 -4.07 -7.50
C THR B 58 -21.03 -4.48 -6.34
N HIS B 59 -21.93 -3.58 -5.96
CA HIS B 59 -22.85 -3.87 -4.87
C HIS B 59 -24.30 -3.77 -5.31
N ALA B 60 -24.54 -3.87 -6.62
CA ALA B 60 -25.89 -3.83 -7.16
C ALA B 60 -26.09 -5.11 -7.99
N TYR B 61 -27.32 -5.54 -8.16
CA TYR B 61 -27.57 -6.75 -8.94
C TYR B 61 -27.52 -6.46 -10.43
N ALA B 62 -27.38 -7.51 -11.24
CA ALA B 62 -27.24 -7.33 -12.69
C ALA B 62 -28.50 -7.18 -13.52
N PHE B 63 -29.63 -7.60 -12.96
CA PHE B 63 -30.94 -7.59 -13.61
C PHE B 63 -31.87 -6.56 -12.96
N PRO B 64 -32.88 -6.07 -13.70
CA PRO B 64 -33.78 -5.09 -13.06
C PRO B 64 -34.40 -5.77 -11.83
N PRO B 65 -34.67 -5.00 -10.76
CA PRO B 65 -34.46 -3.56 -10.58
C PRO B 65 -33.04 -3.03 -10.34
N TYR B 66 -32.03 -3.87 -10.53
CA TYR B 66 -30.65 -3.43 -10.32
C TYR B 66 -30.51 -2.87 -8.92
N LYS B 67 -31.20 -3.48 -7.96
CA LYS B 67 -31.13 -2.97 -6.60
C LYS B 67 -29.75 -2.94 -5.98
N ILE B 68 -29.43 -1.82 -5.33
CA ILE B 68 -28.17 -1.66 -4.60
C ILE B 68 -28.37 -2.35 -3.26
N MET B 69 -27.38 -3.13 -2.84
CA MET B 69 -27.43 -3.87 -1.58
C MET B 69 -27.74 -3.00 -0.39
N ASP B 70 -28.65 -3.48 0.46
CA ASP B 70 -29.02 -2.76 1.66
C ASP B 70 -27.78 -2.53 2.53
N ARG B 71 -26.97 -3.56 2.69
CA ARG B 71 -25.79 -3.43 3.55
C ARG B 71 -24.79 -2.39 3.05
N PHE B 72 -24.73 -2.23 1.73
CA PHE B 72 -23.76 -1.28 1.18
C PHE B 72 -24.24 0.15 1.39
N PHE B 73 -25.54 0.42 1.20
CA PHE B 73 -26.07 1.77 1.45
C PHE B 73 -25.80 2.11 2.93
N LYS B 74 -26.04 1.14 3.82
CA LYS B 74 -25.80 1.37 5.23
C LYS B 74 -24.37 1.84 5.51
N ARG B 75 -23.40 1.29 4.78
CA ARG B 75 -22.01 1.66 4.97
C ARG B 75 -21.72 3.08 4.46
N VAL B 76 -22.25 3.39 3.26
CA VAL B 76 -22.02 4.71 2.68
C VAL B 76 -22.66 5.77 3.59
N ASP B 77 -23.82 5.45 4.15
CA ASP B 77 -24.47 6.41 5.06
C ASP B 77 -23.53 6.77 6.20
N GLU B 78 -22.87 5.77 6.77
CA GLU B 78 -21.97 5.98 7.91
C GLU B 78 -20.77 6.86 7.58
N VAL B 79 -20.31 6.74 6.34
CA VAL B 79 -19.16 7.50 5.87
C VAL B 79 -19.55 9.00 5.70
N ILE B 80 -20.63 9.20 4.97
CA ILE B 80 -21.14 10.54 4.74
C ILE B 80 -21.44 11.19 6.08
N ASN B 81 -22.19 10.51 6.94
CA ASN B 81 -22.50 11.13 8.23
C ASN B 81 -21.28 11.41 9.10
N GLY B 82 -20.27 10.54 9.03
CA GLY B 82 -19.05 10.81 9.80
C GLY B 82 -18.36 12.10 9.36
N ALA B 83 -18.37 12.39 8.05
CA ALA B 83 -17.75 13.62 7.59
C ALA B 83 -18.63 14.83 7.97
N LEU B 84 -19.93 14.71 7.70
CA LEU B 84 -20.86 15.81 7.99
C LEU B 84 -20.75 16.20 9.45
N LYS B 85 -20.58 15.19 10.30
CA LYS B 85 -20.44 15.47 11.72
C LYS B 85 -19.31 16.43 12.09
N ARG B 86 -18.25 16.49 11.30
CA ARG B 86 -17.15 17.41 11.59
C ARG B 86 -17.29 18.73 10.83
N GLY B 87 -18.39 18.90 10.11
CA GLY B 87 -18.60 20.13 9.37
C GLY B 87 -17.82 20.17 8.06
N LEU B 88 -17.54 18.99 7.51
CA LEU B 88 -16.82 18.89 6.25
C LEU B 88 -17.91 18.72 5.20
N ALA B 89 -17.71 19.27 4.01
CA ALA B 89 -18.65 19.03 2.92
C ALA B 89 -18.20 17.67 2.39
N VAL B 90 -19.05 17.07 1.58
CA VAL B 90 -18.77 15.73 1.08
C VAL B 90 -19.17 15.53 -0.37
N VAL B 91 -18.28 14.97 -1.19
CA VAL B 91 -18.58 14.66 -2.56
C VAL B 91 -18.61 13.14 -2.67
N ILE B 92 -19.71 12.60 -3.22
CA ILE B 92 -19.81 11.15 -3.48
C ILE B 92 -20.00 10.93 -4.97
N ASN B 93 -19.44 9.85 -5.51
CA ASN B 93 -19.56 9.59 -6.93
C ASN B 93 -19.83 8.12 -7.18
N ILE B 94 -19.79 7.75 -8.46
CA ILE B 94 -19.85 6.35 -8.89
C ILE B 94 -18.41 6.30 -9.51
N HIS B 95 -17.64 5.33 -9.14
CA HIS B 95 -16.20 5.23 -9.49
C HIS B 95 -15.95 3.78 -9.94
N HIS B 96 -15.07 3.65 -10.85
CA HIS B 96 -14.72 2.36 -11.38
C HIS B 96 -15.86 1.45 -11.81
N TYR B 97 -16.77 1.95 -12.63
CA TYR B 97 -17.87 1.11 -13.15
C TYR B 97 -17.34 0.58 -14.47
N GLU B 98 -16.48 -0.44 -14.37
CA GLU B 98 -15.81 -1.04 -15.54
C GLU B 98 -16.66 -1.37 -16.74
N GLU B 99 -17.73 -2.15 -16.52
CA GLU B 99 -18.60 -2.55 -17.63
C GLU B 99 -19.25 -1.43 -18.36
N LEU B 100 -19.51 -0.33 -17.65
CA LEU B 100 -20.12 0.81 -18.28
C LEU B 100 -19.15 1.40 -19.24
N MET B 101 -17.90 1.51 -18.81
CA MET B 101 -16.86 2.08 -19.66
C MET B 101 -16.69 1.17 -20.84
N ASN B 102 -16.82 -0.13 -20.58
CA ASN B 102 -16.63 -1.17 -21.59
C ASN B 102 -17.79 -1.27 -22.59
N ASP B 103 -19.02 -1.13 -22.12
CA ASP B 103 -20.18 -1.20 -22.98
C ASP B 103 -21.28 -0.28 -22.47
N PRO B 104 -21.15 1.04 -22.71
CA PRO B 104 -22.17 2.00 -22.25
C PRO B 104 -23.59 1.66 -22.75
N GLU B 105 -23.68 1.19 -23.98
CA GLU B 105 -24.95 0.82 -24.60
C GLU B 105 -25.69 -0.13 -23.68
N GLU B 106 -25.06 -1.27 -23.45
CA GLU B 106 -25.62 -2.34 -22.63
C GLU B 106 -25.84 -1.95 -21.17
N HIS B 107 -24.99 -1.11 -20.61
CA HIS B 107 -25.15 -0.77 -19.19
C HIS B 107 -25.85 0.54 -18.89
N LYS B 108 -26.31 1.24 -19.93
CA LYS B 108 -27.03 2.51 -19.77
C LYS B 108 -28.15 2.48 -18.74
N GLU B 109 -29.10 1.56 -18.92
CA GLU B 109 -30.23 1.49 -17.97
C GLU B 109 -29.82 1.15 -16.53
N ARG B 110 -28.81 0.31 -16.36
CA ARG B 110 -28.42 -0.02 -14.98
C ARG B 110 -27.83 1.23 -14.32
N PHE B 111 -26.95 1.94 -15.04
CA PHE B 111 -26.34 3.16 -14.51
C PHE B 111 -27.43 4.13 -14.06
N LEU B 112 -28.39 4.39 -14.95
CA LEU B 112 -29.47 5.29 -14.65
C LEU B 112 -30.24 4.83 -13.42
N ALA B 113 -30.49 3.52 -13.32
CA ALA B 113 -31.19 2.93 -12.17
C ALA B 113 -30.36 3.04 -10.87
N LEU B 114 -29.04 3.00 -10.98
CA LEU B 114 -28.19 3.20 -9.78
C LEU B 114 -28.32 4.67 -9.29
N TRP B 115 -28.33 5.66 -10.19
CA TRP B 115 -28.45 7.05 -9.71
C TRP B 115 -29.86 7.35 -9.17
N LYS B 116 -30.86 6.62 -9.68
CA LYS B 116 -32.19 6.80 -9.14
C LYS B 116 -32.16 6.44 -7.67
N GLN B 117 -31.62 5.27 -7.36
CA GLN B 117 -31.54 4.81 -5.98
C GLN B 117 -30.69 5.66 -5.06
N ILE B 118 -29.58 6.17 -5.57
CA ILE B 118 -28.69 7.02 -4.79
C ILE B 118 -29.31 8.42 -4.50
N ALA B 119 -29.92 9.05 -5.49
CA ALA B 119 -30.53 10.36 -5.26
C ALA B 119 -31.67 10.21 -4.25
N ASP B 120 -32.47 9.17 -4.41
CA ASP B 120 -33.57 8.96 -3.48
C ASP B 120 -33.08 8.76 -2.05
N ARG B 121 -31.97 8.07 -1.90
CA ARG B 121 -31.40 7.80 -0.58
C ARG B 121 -30.90 9.04 0.16
N TYR B 122 -30.32 9.97 -0.57
CA TYR B 122 -29.73 11.13 0.07
C TYR B 122 -30.43 12.46 -0.24
N LYS B 123 -31.62 12.41 -0.85
CA LYS B 123 -32.31 13.64 -1.22
C LYS B 123 -32.52 14.65 -0.09
N ASP B 124 -32.67 14.14 1.14
CA ASP B 124 -32.88 15.05 2.26
C ASP B 124 -31.64 15.39 3.03
N TYR B 125 -30.47 14.95 2.59
CA TYR B 125 -29.27 15.32 3.31
C TYR B 125 -29.01 16.81 3.05
N PRO B 126 -28.16 17.43 3.86
CA PRO B 126 -27.84 18.84 3.73
C PRO B 126 -27.26 19.19 2.36
N GLU B 127 -27.23 20.49 2.11
CA GLU B 127 -26.72 21.04 0.85
C GLU B 127 -25.21 20.93 0.78
N THR B 128 -24.59 20.50 1.87
CA THR B 128 -23.14 20.30 1.90
C THR B 128 -22.71 18.96 1.25
N LEU B 129 -23.67 18.15 0.80
CA LEU B 129 -23.39 16.87 0.12
C LEU B 129 -23.56 17.14 -1.37
N PHE B 130 -22.60 16.67 -2.16
CA PHE B 130 -22.59 16.85 -3.61
C PHE B 130 -22.60 15.51 -4.32
N PHE B 131 -23.29 15.42 -5.45
CA PHE B 131 -23.40 14.19 -6.24
C PHE B 131 -22.57 14.30 -7.51
N GLU B 132 -21.53 13.47 -7.64
CA GLU B 132 -20.66 13.50 -8.83
C GLU B 132 -21.08 12.29 -9.68
N ILE B 133 -21.69 12.54 -10.83
CA ILE B 133 -22.24 11.49 -11.69
C ILE B 133 -21.33 10.29 -12.01
N LEU B 134 -20.12 10.56 -12.49
CA LEU B 134 -19.23 9.45 -12.78
C LEU B 134 -17.77 9.89 -12.88
N ASN B 135 -16.93 9.20 -12.14
CA ASN B 135 -15.51 9.44 -12.17
C ASN B 135 -14.90 8.95 -13.49
N GLU B 136 -14.06 9.81 -14.06
CA GLU B 136 -13.29 9.54 -15.27
C GLU B 136 -13.83 8.65 -16.38
N PRO B 137 -14.93 9.02 -16.98
CA PRO B 137 -15.42 8.34 -18.14
C PRO B 137 -14.32 8.11 -19.16
N HIS B 138 -14.29 6.90 -19.72
CA HIS B 138 -13.27 6.56 -20.69
C HIS B 138 -13.56 5.31 -21.52
N GLY B 139 -12.66 5.04 -22.44
CA GLY B 139 -12.84 3.84 -23.24
C GLY B 139 -13.98 3.92 -24.23
N ASN B 140 -14.89 2.94 -24.23
CA ASN B 140 -15.98 2.97 -25.19
C ASN B 140 -17.00 4.03 -24.81
N LEU B 141 -16.96 4.43 -23.54
CA LEU B 141 -17.83 5.52 -23.10
C LEU B 141 -17.06 6.78 -23.57
N THR B 142 -17.15 7.02 -24.87
CA THR B 142 -16.48 8.13 -25.54
C THR B 142 -17.07 9.50 -25.14
N PRO B 143 -16.40 10.58 -25.55
CA PRO B 143 -16.93 11.91 -25.21
C PRO B 143 -18.39 12.10 -25.62
N GLU B 144 -18.74 11.60 -26.81
CA GLU B 144 -20.11 11.70 -27.31
C GLU B 144 -21.11 10.92 -26.48
N LYS B 145 -20.77 9.69 -26.15
CA LYS B 145 -21.67 8.86 -25.36
C LYS B 145 -21.76 9.33 -23.93
N TRP B 146 -20.73 10.03 -23.46
CA TRP B 146 -20.75 10.59 -22.11
C TRP B 146 -21.73 11.77 -22.09
N ASN B 147 -21.77 12.61 -23.13
CA ASN B 147 -22.70 13.76 -23.17
C ASN B 147 -24.14 13.29 -23.16
N GLU B 148 -24.39 12.19 -23.85
CA GLU B 148 -25.74 11.67 -23.90
C GLU B 148 -26.10 11.03 -22.57
N LEU B 149 -25.19 10.26 -21.97
CA LEU B 149 -25.38 9.61 -20.68
C LEU B 149 -25.48 10.55 -19.45
N LEU B 150 -24.57 11.50 -19.38
CA LEU B 150 -24.60 12.41 -18.25
C LEU B 150 -25.95 13.16 -18.30
N GLU B 151 -26.47 13.38 -19.50
CA GLU B 151 -27.74 14.06 -19.59
C GLU B 151 -28.91 13.21 -19.11
N GLU B 152 -28.89 11.92 -19.40
CA GLU B 152 -29.97 11.04 -18.95
C GLU B 152 -29.84 10.90 -17.45
N ALA B 153 -28.61 10.87 -16.95
CA ALA B 153 -28.40 10.76 -15.51
C ALA B 153 -28.95 11.99 -14.79
N LEU B 154 -28.74 13.18 -15.36
CA LEU B 154 -29.24 14.42 -14.73
C LEU B 154 -30.77 14.44 -14.68
N LYS B 155 -31.41 13.99 -15.76
CA LYS B 155 -32.88 13.96 -15.78
C LYS B 155 -33.38 13.05 -14.67
N VAL B 156 -32.68 11.93 -14.50
CA VAL B 156 -33.10 10.98 -13.48
C VAL B 156 -32.96 11.55 -12.10
N ILE B 157 -31.80 12.11 -11.82
CA ILE B 157 -31.52 12.69 -10.52
C ILE B 157 -32.45 13.88 -10.21
N ARG B 158 -32.63 14.76 -11.17
CA ARG B 158 -33.44 15.94 -10.95
C ARG B 158 -34.94 15.65 -10.81
N SER B 159 -35.37 14.45 -11.16
CA SER B 159 -36.77 14.10 -11.01
C SER B 159 -36.97 13.72 -9.54
N ILE B 160 -35.85 13.54 -8.84
CA ILE B 160 -35.87 13.16 -7.44
C ILE B 160 -35.29 14.23 -6.52
N ASP B 161 -34.27 14.93 -7.01
CA ASP B 161 -33.59 15.87 -6.15
C ASP B 161 -33.20 17.16 -6.84
N LYS B 162 -33.84 18.25 -6.45
CA LYS B 162 -33.57 19.55 -7.04
C LYS B 162 -32.81 20.42 -6.07
N LYS B 163 -32.35 19.84 -4.98
CA LYS B 163 -31.62 20.58 -3.97
C LYS B 163 -30.09 20.52 -4.09
N HIS B 164 -29.54 19.31 -4.20
CA HIS B 164 -28.10 19.13 -4.26
C HIS B 164 -27.40 19.53 -5.55
N THR B 165 -26.20 20.09 -5.41
CA THR B 165 -25.41 20.49 -6.57
C THR B 165 -24.78 19.22 -7.12
N ILE B 166 -24.82 19.07 -8.43
CA ILE B 166 -24.24 17.92 -9.09
C ILE B 166 -22.90 18.29 -9.71
N ILE B 167 -21.99 17.30 -9.74
CA ILE B 167 -20.65 17.51 -10.27
C ILE B 167 -20.50 16.66 -11.49
N ILE B 168 -20.08 17.30 -12.60
CA ILE B 168 -19.97 16.67 -13.89
C ILE B 168 -18.52 16.72 -14.42
N GLY B 169 -17.95 15.55 -14.68
CA GLY B 169 -16.60 15.51 -15.18
C GLY B 169 -16.51 15.44 -16.69
N THR B 170 -15.29 15.31 -17.20
CA THR B 170 -15.09 15.19 -18.65
C THR B 170 -14.74 13.77 -19.02
N ALA B 171 -14.85 13.44 -20.31
CA ALA B 171 -14.49 12.13 -20.80
C ALA B 171 -12.98 11.97 -21.05
N GLU B 172 -12.61 10.89 -21.75
CA GLU B 172 -11.18 10.58 -22.03
C GLU B 172 -10.34 10.66 -20.75
N TRP B 173 -10.85 10.03 -19.70
CA TRP B 173 -10.22 9.96 -18.38
C TRP B 173 -10.34 11.15 -17.45
N GLY B 174 -11.26 12.05 -17.76
CA GLY B 174 -11.53 13.18 -16.86
C GLY B 174 -10.57 14.36 -16.81
N GLY B 175 -9.68 14.43 -17.80
CA GLY B 175 -8.74 15.54 -17.82
C GLY B 175 -9.15 16.72 -18.72
N ILE B 176 -8.16 17.51 -19.13
CA ILE B 176 -8.49 18.65 -19.97
C ILE B 176 -8.68 18.34 -21.43
N SER B 177 -8.15 17.22 -21.91
CA SER B 177 -8.23 16.93 -23.34
C SER B 177 -9.64 16.89 -23.97
N ALA B 178 -10.63 16.41 -23.21
CA ALA B 178 -12.02 16.32 -23.68
C ALA B 178 -12.93 17.45 -23.16
N LEU B 179 -12.37 18.46 -22.50
CA LEU B 179 -13.16 19.57 -21.98
C LEU B 179 -13.97 20.33 -23.08
N GLU B 180 -13.34 20.60 -24.21
CA GLU B 180 -14.03 21.30 -25.30
C GLU B 180 -15.16 20.42 -25.88
N LYS B 181 -15.07 19.12 -25.64
CA LYS B 181 -16.08 18.15 -26.11
C LYS B 181 -17.26 18.04 -25.17
N LEU B 182 -17.08 18.47 -23.92
CA LEU B 182 -18.15 18.39 -22.94
C LEU B 182 -19.35 19.28 -23.26
N SER B 183 -20.56 18.70 -23.12
CA SER B 183 -21.80 19.45 -23.31
C SER B 183 -22.67 19.24 -22.07
N VAL B 184 -22.85 20.30 -21.28
CA VAL B 184 -23.68 20.23 -20.08
C VAL B 184 -25.10 20.62 -20.53
N PRO B 185 -26.11 19.83 -20.13
CA PRO B 185 -27.49 20.15 -20.51
C PRO B 185 -27.79 21.61 -20.19
N LYS B 186 -28.46 22.27 -21.13
CA LYS B 186 -28.78 23.70 -21.02
C LYS B 186 -29.82 24.11 -19.96
N TRP B 187 -30.64 23.15 -19.54
CA TRP B 187 -31.66 23.40 -18.54
C TRP B 187 -31.11 23.24 -17.12
N GLU B 188 -29.93 22.63 -16.99
CA GLU B 188 -29.32 22.42 -15.66
C GLU B 188 -28.57 23.67 -15.17
N LYS B 189 -28.89 24.13 -13.97
CA LYS B 189 -28.28 25.35 -13.45
C LYS B 189 -27.58 25.20 -12.13
N ASN B 190 -27.48 23.97 -11.61
CA ASN B 190 -26.88 23.75 -10.30
C ASN B 190 -25.87 22.62 -10.37
N SER B 191 -24.86 22.81 -11.22
CA SER B 191 -23.79 21.84 -11.40
C SER B 191 -22.43 22.50 -11.46
N ILE B 192 -21.43 21.75 -11.01
CA ILE B 192 -20.04 22.17 -11.03
C ILE B 192 -19.33 21.19 -11.98
N VAL B 193 -18.42 21.71 -12.81
CA VAL B 193 -17.63 20.92 -13.74
C VAL B 193 -16.31 20.57 -13.05
N THR B 194 -15.98 19.28 -13.12
CA THR B 194 -14.78 18.82 -12.48
C THR B 194 -13.81 18.28 -13.49
N ILE B 195 -12.53 18.56 -13.26
CA ILE B 195 -11.45 18.13 -14.13
C ILE B 195 -10.40 17.59 -13.17
N HIS B 196 -9.69 16.54 -13.60
CA HIS B 196 -8.63 15.97 -12.81
C HIS B 196 -7.36 16.40 -13.46
N TYR B 197 -6.38 16.78 -12.65
CA TYR B 197 -5.17 17.26 -13.26
C TYR B 197 -3.95 16.53 -12.79
N TYR B 198 -3.31 15.83 -13.72
CA TYR B 198 -2.15 15.04 -13.44
C TYR B 198 -1.04 15.32 -14.44
N ASN B 199 -1.13 16.43 -15.17
CA ASN B 199 -0.05 16.76 -16.12
C ASN B 199 1.16 17.42 -15.48
N PRO B 200 2.36 17.07 -15.96
CA PRO B 200 2.66 16.11 -17.01
C PRO B 200 2.41 14.71 -16.47
N PHE B 201 1.65 13.92 -17.21
CA PHE B 201 1.33 12.58 -16.76
C PHE B 201 2.54 11.70 -16.49
N GLU B 202 3.59 11.82 -17.32
CA GLU B 202 4.76 10.99 -17.11
C GLU B 202 5.48 11.34 -15.79
N PHE B 203 5.33 12.58 -15.34
CA PHE B 203 5.90 12.94 -14.07
C PHE B 203 5.06 12.43 -12.88
N THR B 204 3.77 12.69 -12.89
CA THR B 204 2.91 12.32 -11.76
C THR B 204 2.68 10.84 -11.61
N HIS B 205 2.79 10.15 -12.70
CA HIS B 205 2.54 8.70 -12.74
C HIS B 205 3.75 7.77 -12.95
N GLN B 206 4.91 8.33 -12.84
CA GLN B 206 6.10 7.56 -13.05
C GLN B 206 6.14 6.29 -12.18
N GLY B 207 6.42 5.21 -12.82
CA GLY B 207 6.51 3.95 -12.11
C GLY B 207 5.20 3.42 -11.54
N ALA B 208 4.08 4.12 -11.74
CA ALA B 208 2.81 3.66 -11.21
C ALA B 208 2.52 2.25 -11.74
N GLU B 209 2.26 1.32 -10.80
CA GLU B 209 2.11 -0.07 -11.20
C GLU B 209 0.94 -0.38 -12.11
N TRP B 210 -0.08 0.46 -12.09
CA TRP B 210 -1.30 0.25 -12.89
C TRP B 210 -1.28 0.97 -14.25
N VAL B 211 -0.17 1.63 -14.57
CA VAL B 211 -0.03 2.31 -15.83
C VAL B 211 1.00 1.63 -16.75
N GLU B 212 0.55 1.20 -17.92
CA GLU B 212 1.44 0.57 -18.89
C GLU B 212 2.66 1.42 -19.24
N GLY B 213 3.83 0.79 -19.27
CA GLY B 213 5.08 1.45 -19.58
C GLY B 213 5.60 2.51 -18.63
N SER B 214 4.98 2.64 -17.47
CA SER B 214 5.37 3.72 -16.57
C SER B 214 6.77 3.69 -16.00
N GLU B 215 7.41 2.54 -16.05
CA GLU B 215 8.72 2.40 -15.46
C GLU B 215 9.71 3.25 -16.24
N LYS B 216 9.42 3.47 -17.52
CA LYS B 216 10.31 4.27 -18.38
C LYS B 216 10.43 5.72 -17.94
N TRP B 217 9.47 6.16 -17.12
CA TRP B 217 9.44 7.56 -16.69
C TRP B 217 10.12 7.86 -15.36
N LEU B 218 10.47 6.81 -14.61
CA LEU B 218 11.11 6.99 -13.33
C LEU B 218 12.34 7.91 -13.44
N GLY B 219 12.41 8.84 -12.52
CA GLY B 219 13.50 9.83 -12.51
C GLY B 219 13.07 11.21 -13.01
N ARG B 220 11.93 11.27 -13.67
CA ARG B 220 11.42 12.54 -14.17
C ARG B 220 11.21 13.58 -13.06
N LYS B 221 11.75 14.78 -13.24
CA LYS B 221 11.55 15.83 -12.26
C LYS B 221 10.53 16.87 -12.72
N TRP B 222 10.24 17.84 -11.87
CA TRP B 222 9.34 18.91 -12.27
C TRP B 222 9.74 20.18 -11.54
N GLY B 223 9.68 21.31 -12.23
CA GLY B 223 9.97 22.54 -11.52
C GLY B 223 10.61 23.65 -12.34
N SER B 224 10.86 23.42 -13.63
CA SER B 224 11.51 24.43 -14.49
C SER B 224 10.56 25.52 -14.94
N PRO B 225 11.11 26.68 -15.33
CA PRO B 225 10.27 27.78 -15.81
C PRO B 225 9.33 27.32 -16.92
N ASP B 226 9.82 26.41 -17.76
CA ASP B 226 9.01 25.89 -18.87
C ASP B 226 7.91 24.96 -18.37
N ASP B 227 8.20 24.27 -17.27
CA ASP B 227 7.19 23.38 -16.66
C ASP B 227 6.07 24.26 -16.13
N GLN B 228 6.47 25.33 -15.44
CA GLN B 228 5.52 26.24 -14.86
C GLN B 228 4.65 26.87 -15.93
N LYS B 229 5.28 27.34 -17.01
CA LYS B 229 4.55 27.98 -18.08
C LYS B 229 3.50 27.07 -18.75
N HIS B 230 3.91 25.85 -19.05
CA HIS B 230 3.00 24.90 -19.71
C HIS B 230 1.76 24.62 -18.83
N LEU B 231 1.97 24.60 -17.53
CA LEU B 231 0.86 24.29 -16.62
C LEU B 231 -0.09 25.47 -16.56
N ILE B 232 0.47 26.68 -16.44
CA ILE B 232 -0.33 27.87 -16.41
C ILE B 232 -1.12 28.00 -17.70
N GLU B 233 -0.53 27.58 -18.81
CA GLU B 233 -1.22 27.68 -20.09
C GLU B 233 -2.44 26.74 -20.06
N GLU B 234 -2.26 25.52 -19.60
CA GLU B 234 -3.41 24.61 -19.51
C GLU B 234 -4.46 25.14 -18.56
N PHE B 235 -4.03 25.73 -17.45
CA PHE B 235 -4.98 26.30 -16.50
C PHE B 235 -5.74 27.49 -17.13
N ASN B 236 -5.05 28.30 -17.94
CA ASN B 236 -5.75 29.40 -18.58
C ASN B 236 -6.80 28.89 -19.52
N PHE B 237 -6.52 27.80 -20.21
CA PHE B 237 -7.47 27.18 -21.13
C PHE B 237 -8.76 26.76 -20.37
N ILE B 238 -8.58 26.09 -19.22
CA ILE B 238 -9.72 25.69 -18.40
C ILE B 238 -10.50 26.91 -17.96
N GLU B 239 -9.77 27.93 -17.51
CA GLU B 239 -10.38 29.16 -17.02
C GLU B 239 -11.19 29.85 -18.12
N GLU B 240 -10.63 29.92 -19.31
CA GLU B 240 -11.36 30.58 -20.37
C GLU B 240 -12.61 29.78 -20.63
N TRP B 241 -12.47 28.46 -20.72
CA TRP B 241 -13.64 27.58 -20.98
C TRP B 241 -14.69 27.82 -19.91
N SER B 242 -14.25 27.99 -18.66
CA SER B 242 -15.14 28.22 -17.53
C SER B 242 -15.91 29.52 -17.65
N LYS B 243 -15.23 30.57 -18.02
CA LYS B 243 -15.90 31.86 -18.13
C LYS B 243 -16.88 31.88 -19.29
N LYS B 244 -16.51 31.26 -20.40
CA LYS B 244 -17.36 31.22 -21.58
C LYS B 244 -18.60 30.36 -21.40
N ASN B 245 -18.48 29.30 -20.61
CA ASN B 245 -19.59 28.40 -20.40
C ASN B 245 -20.32 28.58 -19.06
N LYS B 246 -19.87 29.55 -18.28
CA LYS B 246 -20.44 29.87 -16.98
C LYS B 246 -20.70 28.70 -16.02
N ARG B 247 -19.65 27.91 -15.79
CA ARG B 247 -19.70 26.77 -14.87
C ARG B 247 -18.54 26.85 -13.85
N PRO B 248 -18.82 26.62 -12.57
CA PRO B 248 -17.74 26.69 -11.58
C PRO B 248 -16.81 25.52 -11.92
N ILE B 249 -15.54 25.61 -11.53
CA ILE B 249 -14.58 24.52 -11.76
C ILE B 249 -14.12 23.87 -10.45
N TYR B 250 -14.10 22.54 -10.41
CA TYR B 250 -13.63 21.75 -9.25
C TYR B 250 -12.54 20.80 -9.78
N ILE B 251 -11.32 20.89 -9.23
CA ILE B 251 -10.28 19.98 -9.65
C ILE B 251 -10.35 18.88 -8.60
N GLY B 252 -11.20 17.90 -8.90
CA GLY B 252 -11.51 16.82 -7.98
C GLY B 252 -10.45 15.81 -7.64
N ALA B 253 -9.36 15.79 -8.40
CA ALA B 253 -8.26 14.90 -8.11
C ALA B 253 -7.01 15.43 -8.81
N PHE B 254 -5.92 15.50 -8.06
CA PHE B 254 -4.61 15.93 -8.53
C PHE B 254 -3.58 15.49 -7.50
N GLY B 255 -2.38 15.14 -7.99
CA GLY B 255 -1.33 14.68 -7.08
C GLY B 255 -0.23 13.99 -7.85
N ALA B 256 0.94 13.85 -7.24
CA ALA B 256 2.04 13.16 -7.88
C ALA B 256 2.31 11.90 -7.05
N TYR B 257 2.57 10.78 -7.71
CA TYR B 257 2.81 9.48 -7.04
C TYR B 257 4.08 9.50 -6.19
N ARG B 258 4.14 8.66 -5.14
CA ARG B 258 5.30 8.62 -4.25
C ARG B 258 6.63 8.20 -4.88
N LYS B 259 6.60 7.58 -6.06
CA LYS B 259 7.82 7.23 -6.75
C LYS B 259 8.56 8.47 -7.36
N ALA B 260 7.84 9.57 -7.54
CA ALA B 260 8.43 10.81 -8.07
C ALA B 260 9.28 11.41 -6.97
N ASP B 261 10.41 12.05 -7.31
CA ASP B 261 11.21 12.60 -6.22
C ASP B 261 10.39 13.58 -5.41
N LEU B 262 10.55 13.48 -4.09
CA LEU B 262 9.79 14.29 -3.15
C LEU B 262 9.85 15.80 -3.38
N GLU B 263 11.04 16.33 -3.63
CA GLU B 263 11.12 17.76 -3.86
C GLU B 263 10.30 18.21 -5.08
N SER B 264 10.33 17.43 -6.15
CA SER B 264 9.53 17.80 -7.31
C SER B 264 8.04 17.61 -6.96
N ARG B 265 7.72 16.62 -6.15
CA ARG B 265 6.31 16.47 -5.77
C ARG B 265 5.80 17.70 -5.04
N ILE B 266 6.61 18.25 -4.14
CA ILE B 266 6.25 19.44 -3.40
C ILE B 266 6.13 20.67 -4.26
N LYS B 267 7.04 20.86 -5.20
CA LYS B 267 6.97 21.99 -6.10
C LYS B 267 5.72 21.91 -6.98
N TRP B 268 5.47 20.74 -7.58
CA TRP B 268 4.31 20.61 -8.47
C TRP B 268 3.03 20.78 -7.63
N THR B 269 2.93 20.09 -6.50
CA THR B 269 1.72 20.19 -5.73
C THR B 269 1.44 21.63 -5.28
N SER B 270 2.46 22.31 -4.74
CA SER B 270 2.21 23.66 -4.26
C SER B 270 1.90 24.62 -5.39
N PHE B 271 2.54 24.43 -6.55
CA PHE B 271 2.29 25.26 -7.72
C PHE B 271 0.84 25.08 -8.20
N VAL B 272 0.41 23.82 -8.29
CA VAL B 272 -0.95 23.57 -8.70
C VAL B 272 -1.94 24.23 -7.75
N VAL B 273 -1.73 24.07 -6.44
CA VAL B 273 -2.65 24.68 -5.50
C VAL B 273 -2.69 26.19 -5.63
N ARG B 274 -1.53 26.85 -5.68
CA ARG B 274 -1.57 28.31 -5.81
C ARG B 274 -2.30 28.78 -7.08
N GLU B 275 -2.04 28.11 -8.21
CA GLU B 275 -2.67 28.42 -9.49
C GLU B 275 -4.17 28.12 -9.50
N MET B 276 -4.58 27.09 -8.76
CA MET B 276 -6.01 26.82 -8.69
C MET B 276 -6.66 27.89 -7.80
N GLU B 277 -6.02 28.23 -6.69
CA GLU B 277 -6.64 29.18 -5.81
C GLU B 277 -6.68 30.60 -6.35
N LYS B 278 -5.76 30.91 -7.26
CA LYS B 278 -5.77 32.25 -7.88
C LYS B 278 -6.95 32.36 -8.84
N ARG B 279 -7.46 31.22 -9.31
CA ARG B 279 -8.59 31.23 -10.23
C ARG B 279 -9.89 30.92 -9.47
N ARG B 280 -9.77 30.74 -8.15
CA ARG B 280 -10.96 30.54 -7.32
C ARG B 280 -11.66 29.20 -7.54
N TRP B 281 -10.87 28.21 -7.89
CA TRP B 281 -11.38 26.84 -8.09
C TRP B 281 -11.33 26.09 -6.78
N SER B 282 -12.27 25.18 -6.55
CA SER B 282 -12.22 24.30 -5.39
C SER B 282 -11.39 23.11 -5.89
N TRP B 283 -10.97 22.24 -4.97
CA TRP B 283 -10.08 21.15 -5.35
C TRP B 283 -9.98 20.07 -4.29
N ALA B 284 -9.55 18.88 -4.69
CA ALA B 284 -9.38 17.76 -3.74
C ALA B 284 -8.13 16.99 -4.11
N TYR B 285 -7.18 16.95 -3.18
CA TYR B 285 -5.94 16.28 -3.39
C TYR B 285 -6.14 14.78 -3.48
N TRP B 286 -5.38 14.17 -4.38
CA TRP B 286 -5.34 12.71 -4.51
C TRP B 286 -4.00 12.24 -3.93
N GLU B 287 -4.00 11.58 -2.77
CA GLU B 287 -5.19 11.29 -1.95
C GLU B 287 -4.73 11.28 -0.48
N PHE B 288 -5.62 10.91 0.42
CA PHE B 288 -5.26 10.99 1.83
C PHE B 288 -4.18 10.04 2.37
N CYS B 289 -4.36 8.73 2.25
CA CYS B 289 -3.42 7.81 2.90
C CYS B 289 -2.87 6.62 2.14
N SER B 290 -2.91 6.67 0.82
CA SER B 290 -2.40 5.58 0.02
C SER B 290 -1.10 5.95 -0.75
N GLY B 291 -0.94 5.43 -1.97
CA GLY B 291 0.30 5.68 -2.71
C GLY B 291 0.65 7.14 -3.00
N PHE B 292 -0.35 8.01 -2.96
CA PHE B 292 -0.09 9.46 -3.17
C PHE B 292 -0.29 10.18 -1.84
N GLY B 293 -0.49 9.37 -0.81
CA GLY B 293 -0.82 9.85 0.53
C GLY B 293 -0.02 10.98 1.15
N VAL B 294 -0.72 11.80 1.92
CA VAL B 294 -0.08 12.89 2.64
C VAL B 294 -0.10 12.53 4.12
N TYR B 295 -0.89 11.50 4.48
CA TYR B 295 -1.01 11.02 5.86
C TYR B 295 -0.75 9.50 5.99
N ASP B 296 -0.05 9.12 7.06
CA ASP B 296 0.31 7.74 7.37
C ASP B 296 -0.65 7.16 8.41
N THR B 297 -1.56 6.30 8.00
CA THR B 297 -2.50 5.73 8.96
C THR B 297 -1.82 4.76 9.92
N LEU B 298 -0.74 4.15 9.46
CA LEU B 298 0.03 3.19 10.24
C LEU B 298 0.74 3.86 11.42
N ARG B 299 1.38 5.00 11.12
CA ARG B 299 2.14 5.73 12.13
C ARG B 299 1.53 7.06 12.53
N LYS B 300 0.26 7.23 12.17
CA LYS B 300 -0.49 8.43 12.51
C LYS B 300 0.27 9.75 12.47
N THR B 301 0.89 10.05 11.33
CA THR B 301 1.62 11.29 11.15
C THR B 301 1.41 11.82 9.73
N TRP B 302 1.51 13.14 9.56
CA TRP B 302 1.35 13.73 8.24
C TRP B 302 2.72 14.00 7.67
N ASN B 303 2.80 13.99 6.33
CA ASN B 303 4.03 14.34 5.65
C ASN B 303 3.89 15.87 5.71
N LYS B 304 4.64 16.49 6.61
CA LYS B 304 4.52 17.92 6.80
C LYS B 304 4.78 18.85 5.62
N ASP B 305 5.79 18.56 4.82
CA ASP B 305 6.03 19.47 3.70
C ASP B 305 4.96 19.30 2.63
N LEU B 306 4.40 18.11 2.49
CA LEU B 306 3.34 17.89 1.49
C LEU B 306 2.03 18.53 1.95
N LEU B 307 1.69 18.37 3.24
CA LEU B 307 0.47 19.00 3.76
C LEU B 307 0.65 20.49 3.55
N GLU B 308 1.88 20.94 3.75
CA GLU B 308 2.20 22.34 3.63
C GLU B 308 1.91 22.92 2.23
N ALA B 309 2.18 22.15 1.19
CA ALA B 309 1.88 22.61 -0.18
C ALA B 309 0.37 22.70 -0.38
N LEU B 310 -0.38 21.91 0.37
CA LEU B 310 -1.86 21.90 0.26
C LEU B 310 -2.50 23.00 1.10
N ILE B 311 -2.01 23.07 2.33
CA ILE B 311 -2.36 23.95 3.45
C ILE B 311 -3.70 23.71 4.14
C1 GLC C . 8.41 -8.19 11.57
C2 GLC C . 7.99 -7.57 10.23
C3 GLC C . 8.86 -6.34 9.97
C4 GLC C . 8.69 -5.35 11.12
C5 GLC C . 9.17 -6.06 12.38
C6 GLC C . 9.06 -5.12 13.59
O1 GLC C . 9.74 -8.72 11.47
O2 GLC C . 8.20 -8.52 9.20
O3 GLC C . 8.49 -5.70 8.73
O4 GLC C . 9.56 -4.22 10.90
O5 GLC C . 8.37 -7.23 12.63
O6 GLC C . 7.67 -4.89 13.86
C2 BGC C . 9.99 -1.91 11.22
C3 BGC C . 9.33 -0.54 11.40
C4 BGC C . 8.35 -0.30 10.26
C5 BGC C . 7.36 -1.47 10.19
C6 BGC C . 6.39 -1.25 9.03
C1 BGC C . 8.90 -2.98 11.13
O2 BGC C . 10.91 -2.23 12.27
O3 BGC C . 10.32 0.50 11.32
O4 BGC C . 7.65 0.92 10.48
O5 BGC C . 8.07 -2.71 9.99
O6 BGC C . 5.41 -2.30 9.04
C1 GLC D . -7.64 9.17 -10.89
C2 GLC D . -8.49 7.90 -10.74
C3 GLC D . -8.08 7.14 -9.48
C4 GLC D . -6.59 6.77 -9.60
C5 GLC D . -5.83 8.08 -9.70
C6 GLC D . -4.33 7.81 -9.85
O1 GLC D . -7.91 10.10 -9.85
O2 GLC D . -9.88 8.21 -10.65
O3 GLC D . -8.89 5.96 -9.36
O4 GLC D . -6.19 6.02 -8.44
O5 GLC D . -6.24 8.83 -10.86
O6 GLC D . -4.11 7.14 -11.09
C2 BGC D . -5.01 4.20 -7.46
C3 BGC D . -4.31 2.87 -7.72
C4 BGC D . -5.29 1.92 -8.40
C5 BGC D . -5.83 2.60 -9.68
C6 BGC D . -6.85 1.71 -10.37
C1 BGC D . -5.53 4.78 -8.78
O2 BGC D . -4.09 5.12 -6.86
O3 BGC D . -3.87 2.34 -6.47
O4 BGC D . -4.62 0.72 -8.76
O5 BGC D . -6.45 3.85 -9.34
O6 BGC D . -7.27 2.37 -11.56
C2 BGC E . 3.92 -6.40 13.27
C3 BGC E . 2.94 -5.36 13.83
C4 BGC E . 1.60 -6.03 14.11
C5 BGC E . 1.81 -7.23 15.03
C6 BGC E . 0.46 -7.91 15.28
C1 BGC E . 4.02 -7.59 14.23
O1 BGC E . 4.89 -8.58 13.69
O2 BGC E . 5.21 -5.80 13.12
O3 BGC E . 2.77 -4.31 12.87
O4 BGC E . 0.71 -5.09 14.74
O5 BGC E . 2.72 -8.17 14.41
O6 BGC E . 0.65 -9.06 16.13
C2 BGC F . -5.70 6.95 -14.43
C3 BGC F . -4.72 5.94 -15.05
C4 BGC F . -4.81 6.07 -16.58
C5 BGC F . -4.53 7.52 -16.98
C6 BGC F . -4.69 7.67 -18.49
C1 BGC F . -5.33 8.36 -14.88
O1 BGC F . -6.24 9.31 -14.32
O2 BGC F . -5.61 6.85 -13.00
O3 BGC F . -5.05 4.62 -14.66
O4 BGC F . -3.89 5.18 -17.20
O5 BGC F . -5.41 8.43 -16.33
O6 BGC F . -4.57 9.04 -18.87
#